data_5GJO
#
_entry.id   5GJO
#
_cell.length_a   55.917
_cell.length_b   122.859
_cell.length_c   136.853
_cell.angle_alpha   90.000
_cell.angle_beta   90.000
_cell.angle_gamma   90.000
#
_symmetry.space_group_name_H-M   'P 21 21 21'
#
loop_
_entity.id
_entity.type
_entity.pdbx_description
1 polymer 'Lysine/ornithine decarboxylase'
2 non-polymer 'SULFATE ION'
3 non-polymer GLYCEROL
4 non-polymer "PYRIDOXAL-5'-PHOSPHATE"
5 non-polymer 'SODIUM ION'
6 water water
#
_entity_poly.entity_id   1
_entity_poly.type   'polypeptide(L)'
_entity_poly.pdbx_seq_one_letter_code
;AMKNFRLSEKEVKTLAKRIPTPFLVASLDKVEENYQFMRRHLPRAGVFYAMKANPTPEILSLLAGLGSHFDVASAGEMEI
LHELGVDGSQMIYANPVKDARGLKAAADYNVRRFTFDDPSEIDKMAKAVPGADVLVRIAVRNNKALVDLNTKFGAPVEEA
LDLLKAAQDAGLHAMGICFHVGSQSLSTAAYEEALLVARRLFDEAEEMGMHLTDLDIGGGFPVPDCKGLNVDLAAMMEAI
NKQIDRLFPDTAVWTEPGRYMCGTAVNLVTSVIGTKTRGEQPWYILDEGIYGCFSGIMYDHWCYPLHCFGKGNKKPSTFG
GPSCDGIDVLYRDFMAPELKIGDKVLVTEMGSYTSVSATRFNGFYLAPTIIFEDQPEYAARLTEDDDVKKKAAV
;
_entity_poly.pdbx_strand_id   A,B
#
# COMPACT_ATOMS: atom_id res chain seq x y z
N ALA A 1 -1.79 17.15 -28.81
CA ALA A 1 -1.41 18.58 -28.84
C ALA A 1 -0.68 18.92 -27.53
N MET A 2 -1.32 18.69 -26.37
CA MET A 2 -0.73 19.04 -25.03
C MET A 2 0.62 18.27 -24.75
N LYS A 3 1.58 18.96 -24.15
CA LYS A 3 2.88 18.36 -23.73
C LYS A 3 2.80 17.83 -22.28
N ASN A 4 3.23 16.59 -22.02
CA ASN A 4 3.26 16.09 -20.67
C ASN A 4 4.37 16.79 -19.87
N PHE A 5 4.24 16.93 -18.54
CA PHE A 5 5.33 17.58 -17.80
C PHE A 5 6.47 16.56 -17.71
N ARG A 6 7.67 17.02 -18.04
CA ARG A 6 8.83 16.17 -17.98
C ARG A 6 10.02 17.00 -17.60
N LEU A 7 10.72 16.57 -16.58
CA LEU A 7 11.94 17.21 -16.22
C LEU A 7 13.04 16.88 -17.22
N SER A 8 13.91 17.86 -17.50
CA SER A 8 15.10 17.60 -18.26
C SER A 8 16.17 16.93 -17.42
N GLU A 9 17.15 16.32 -18.07
CA GLU A 9 18.29 15.74 -17.37
C GLU A 9 18.99 16.76 -16.47
N LYS A 10 19.18 17.96 -16.97
CA LYS A 10 19.82 18.99 -16.16
C LYS A 10 19.04 19.34 -14.91
N GLU A 11 17.72 19.48 -15.05
CA GLU A 11 16.82 19.73 -13.91
C GLU A 11 16.88 18.63 -12.91
N VAL A 12 16.84 17.40 -13.40
CA VAL A 12 16.98 16.24 -12.51
C VAL A 12 18.23 16.35 -11.66
N LYS A 13 19.33 16.70 -12.29
CA LYS A 13 20.61 16.81 -11.59
C LYS A 13 20.61 17.90 -10.47
N THR A 14 20.12 19.10 -10.82
CA THR A 14 20.12 20.18 -9.90
C THR A 14 19.10 19.95 -8.77
N LEU A 15 17.93 19.43 -9.14
CA LEU A 15 16.93 19.13 -8.12
C LEU A 15 17.50 18.12 -7.12
N ALA A 16 18.09 17.05 -7.63
CA ALA A 16 18.55 15.93 -6.74
C ALA A 16 19.80 16.29 -5.95
N LYS A 17 20.57 17.27 -6.41
CA LYS A 17 21.66 17.79 -5.61
C LYS A 17 21.13 18.46 -4.35
N ARG A 18 20.08 19.23 -4.53
CA ARG A 18 19.36 19.94 -3.49
C ARG A 18 18.48 19.12 -2.56
N ILE A 19 17.78 18.17 -3.13
CA ILE A 19 16.74 17.43 -2.43
C ILE A 19 17.03 15.94 -2.43
N PRO A 20 17.07 15.30 -1.27
CA PRO A 20 17.33 13.87 -1.29
C PRO A 20 16.24 13.04 -1.94
N THR A 21 16.67 12.12 -2.78
CA THR A 21 15.78 11.19 -3.42
C THR A 21 15.26 10.17 -2.44
N PRO A 22 14.12 9.55 -2.71
CA PRO A 22 13.24 9.82 -3.83
C PRO A 22 12.34 11.02 -3.51
N PHE A 23 11.90 11.70 -4.55
CA PHE A 23 10.85 12.69 -4.44
C PHE A 23 10.07 12.81 -5.69
N LEU A 24 8.83 13.26 -5.54
CA LEU A 24 7.99 13.63 -6.67
C LEU A 24 8.10 15.10 -6.95
N VAL A 25 7.93 15.49 -8.19
CA VAL A 25 7.90 16.89 -8.58
C VAL A 25 6.60 17.15 -9.36
N ALA A 26 5.75 18.00 -8.84
CA ALA A 26 4.47 18.37 -9.40
C ALA A 26 4.46 19.72 -10.04
N SER A 27 3.92 19.80 -11.25
CA SER A 27 3.79 21.10 -11.95
C SER A 27 2.36 21.63 -11.86
N LEU A 28 2.21 22.69 -11.09
CA LEU A 28 0.89 23.34 -10.94
C LEU A 28 0.44 23.86 -12.28
N ASP A 29 1.37 24.42 -13.06
CA ASP A 29 1.00 24.94 -14.38
C ASP A 29 0.42 23.83 -15.27
N LYS A 30 0.93 22.60 -15.14
CA LYS A 30 0.42 21.51 -15.99
C LYS A 30 -0.96 21.08 -15.42
N VAL A 31 -1.13 21.08 -14.09
CA VAL A 31 -2.50 20.80 -13.54
C VAL A 31 -3.49 21.83 -14.09
N GLU A 32 -3.09 23.10 -14.08
CA GLU A 32 -3.96 24.12 -14.63
C GLU A 32 -4.27 23.95 -16.08
N GLU A 33 -3.25 23.63 -16.91
CA GLU A 33 -3.45 23.36 -18.29
C GLU A 33 -4.45 22.22 -18.50
N ASN A 34 -4.29 21.16 -17.70
CA ASN A 34 -5.25 20.05 -17.78
C ASN A 34 -6.70 20.47 -17.42
N TYR A 35 -6.87 21.29 -16.40
CA TYR A 35 -8.17 21.77 -16.03
C TYR A 35 -8.74 22.59 -17.18
N GLN A 36 -7.97 23.51 -17.69
CA GLN A 36 -8.47 24.35 -18.80
C GLN A 36 -8.79 23.59 -20.05
N PHE A 37 -8.00 22.59 -20.41
CA PHE A 37 -8.28 21.76 -21.54
C PHE A 37 -9.66 21.09 -21.38
N MET A 38 -9.95 20.58 -20.19
CA MET A 38 -11.26 19.93 -19.93
C MET A 38 -12.40 20.96 -20.03
N ARG A 39 -12.20 22.15 -19.51
CA ARG A 39 -13.16 23.25 -19.67
C ARG A 39 -13.42 23.62 -21.11
N ARG A 40 -12.36 23.66 -21.92
CA ARG A 40 -12.43 23.90 -23.34
C ARG A 40 -13.12 22.82 -24.18
N HIS A 41 -12.84 21.55 -23.91
CA HIS A 41 -13.35 20.44 -24.73
C HIS A 41 -14.59 19.79 -24.18
N LEU A 42 -14.82 20.00 -22.91
CA LEU A 42 -15.97 19.44 -22.25
C LEU A 42 -16.63 20.55 -21.42
N PRO A 43 -17.04 21.63 -22.09
CA PRO A 43 -17.59 22.73 -21.34
C PRO A 43 -18.86 22.44 -20.56
N ARG A 44 -19.70 21.55 -21.05
CA ARG A 44 -20.96 21.23 -20.39
C ARG A 44 -20.82 20.60 -18.99
N ALA A 45 -19.71 19.92 -18.72
CA ALA A 45 -19.57 19.18 -17.46
C ALA A 45 -18.71 19.92 -16.52
N GLY A 46 -19.35 20.48 -15.48
CA GLY A 46 -18.66 21.13 -14.40
C GLY A 46 -17.82 20.12 -13.60
N VAL A 47 -16.64 20.55 -13.17
CA VAL A 47 -15.66 19.63 -12.56
C VAL A 47 -15.77 19.50 -11.04
N PHE A 48 -15.94 18.29 -10.55
CA PHE A 48 -15.71 17.88 -9.18
C PHE A 48 -14.44 17.01 -9.16
N TYR A 49 -13.32 17.59 -8.82
CA TYR A 49 -12.04 16.87 -8.87
C TYR A 49 -12.02 15.76 -7.87
N ALA A 50 -11.74 14.56 -8.36
CA ALA A 50 -11.65 13.34 -7.56
C ALA A 50 -10.28 13.26 -6.90
N MET A 51 -10.17 13.93 -5.76
CA MET A 51 -8.93 14.08 -5.06
C MET A 51 -8.30 12.83 -4.56
N LYS A 52 -9.03 11.71 -4.62
CA LYS A 52 -8.48 10.39 -4.32
C LYS A 52 -7.26 10.11 -5.24
N ALA A 53 -7.27 10.61 -6.45
CA ALA A 53 -6.12 10.43 -7.34
C ALA A 53 -4.84 11.11 -6.86
N ASN A 54 -4.97 12.33 -6.37
CA ASN A 54 -3.84 13.09 -5.89
C ASN A 54 -4.26 14.25 -5.00
N PRO A 55 -4.03 14.14 -3.70
CA PRO A 55 -4.51 15.19 -2.79
C PRO A 55 -3.46 16.23 -2.38
N THR A 56 -2.42 16.42 -3.17
CA THR A 56 -1.39 17.35 -2.77
C THR A 56 -2.02 18.71 -2.48
N PRO A 57 -1.74 19.26 -1.31
CA PRO A 57 -2.49 20.47 -0.88
C PRO A 57 -2.37 21.63 -1.84
N GLU A 58 -1.18 21.88 -2.40
CA GLU A 58 -1.06 22.98 -3.33
C GLU A 58 -1.86 22.76 -4.60
N ILE A 59 -2.03 21.50 -4.97
CA ILE A 59 -2.89 21.15 -6.14
C ILE A 59 -4.35 21.47 -5.86
N LEU A 60 -4.78 21.10 -4.65
CA LEU A 60 -6.15 21.34 -4.24
C LEU A 60 -6.44 22.84 -4.17
N SER A 61 -5.49 23.61 -3.64
CA SER A 61 -5.69 25.04 -3.58
C SER A 61 -5.72 25.66 -4.93
N LEU A 62 -4.81 25.25 -5.84
CA LEU A 62 -4.85 25.69 -7.18
C LEU A 62 -6.26 25.48 -7.82
N LEU A 63 -6.71 24.22 -7.77
CA LEU A 63 -7.97 23.88 -8.32
C LEU A 63 -9.14 24.65 -7.69
N ALA A 64 -9.15 24.80 -6.36
CA ALA A 64 -10.19 25.60 -5.70
C ALA A 64 -10.21 27.05 -6.31
N GLY A 65 -9.03 27.59 -6.54
CA GLY A 65 -8.90 28.95 -7.04
C GLY A 65 -9.27 29.07 -8.47
N LEU A 66 -9.24 27.98 -9.24
CA LEU A 66 -9.75 27.98 -10.55
C LEU A 66 -11.30 27.78 -10.64
N GLY A 67 -11.96 27.59 -9.53
CA GLY A 67 -13.37 27.38 -9.51
C GLY A 67 -13.79 25.90 -9.47
N SER A 68 -12.86 24.97 -9.26
CA SER A 68 -13.23 23.54 -9.29
C SER A 68 -14.04 23.24 -8.08
N HIS A 69 -14.95 22.26 -8.21
CA HIS A 69 -15.49 21.60 -7.05
C HIS A 69 -14.67 20.33 -6.74
N PHE A 70 -15.12 19.57 -5.71
CA PHE A 70 -14.39 18.38 -5.28
C PHE A 70 -15.25 17.18 -4.97
N ASP A 71 -14.79 16.01 -5.35
CA ASP A 71 -15.40 14.74 -5.03
C ASP A 71 -14.55 14.15 -3.91
N VAL A 72 -15.17 13.86 -2.78
CA VAL A 72 -14.53 13.37 -1.57
C VAL A 72 -15.05 11.95 -1.26
N ALA A 73 -14.16 11.11 -0.80
CA ALA A 73 -14.42 9.68 -0.53
C ALA A 73 -14.52 9.33 0.92
N SER A 74 -14.17 10.24 1.82
CA SER A 74 -13.97 9.93 3.25
C SER A 74 -13.91 11.22 4.06
N ALA A 75 -14.14 11.08 5.38
CA ALA A 75 -13.88 12.20 6.35
C ALA A 75 -12.53 12.86 6.18
N GLY A 76 -11.51 12.03 5.93
CA GLY A 76 -10.10 12.50 5.79
C GLY A 76 -10.00 13.50 4.67
N GLU A 77 -10.62 13.17 3.56
CA GLU A 77 -10.60 14.03 2.39
C GLU A 77 -11.34 15.35 2.62
N MET A 78 -12.49 15.26 3.26
CA MET A 78 -13.24 16.45 3.65
C MET A 78 -12.41 17.32 4.58
N GLU A 79 -11.74 16.70 5.54
CA GLU A 79 -10.95 17.44 6.51
C GLU A 79 -9.84 18.19 5.82
N ILE A 80 -9.21 17.56 4.85
CA ILE A 80 -8.09 18.22 4.11
C ILE A 80 -8.58 19.46 3.44
N LEU A 81 -9.69 19.33 2.70
CA LEU A 81 -10.27 20.48 1.99
C LEU A 81 -10.71 21.61 2.98
N HIS A 82 -11.34 21.18 4.07
CA HIS A 82 -11.78 22.14 5.11
C HIS A 82 -10.59 23.00 5.59
N GLU A 83 -9.49 22.37 5.90
CA GLU A 83 -8.28 23.08 6.36
C GLU A 83 -7.69 24.01 5.30
N LEU A 84 -7.96 23.72 4.02
CA LEU A 84 -7.59 24.61 2.92
C LEU A 84 -8.63 25.66 2.57
N GLY A 85 -9.71 25.77 3.36
CA GLY A 85 -10.68 26.81 3.21
C GLY A 85 -11.80 26.54 2.24
N VAL A 86 -12.05 25.24 1.90
CA VAL A 86 -13.05 24.95 0.91
C VAL A 86 -14.30 24.67 1.71
N ASP A 87 -15.39 25.28 1.27
CA ASP A 87 -16.72 25.13 1.86
C ASP A 87 -17.33 23.76 1.48
N GLY A 88 -18.09 23.19 2.38
CA GLY A 88 -18.86 21.97 2.07
C GLY A 88 -19.77 22.01 0.89
N SER A 89 -20.28 23.19 0.57
CA SER A 89 -21.03 23.40 -0.63
C SER A 89 -20.32 23.07 -1.95
N GLN A 90 -18.99 23.00 -1.93
CA GLN A 90 -18.19 22.70 -3.13
C GLN A 90 -17.87 21.19 -3.18
N MET A 91 -18.43 20.39 -2.29
CA MET A 91 -18.07 18.98 -2.25
C MET A 91 -19.23 18.06 -2.60
N ILE A 92 -18.90 16.93 -3.21
CA ILE A 92 -19.81 15.78 -3.30
C ILE A 92 -19.18 14.63 -2.57
N TYR A 93 -19.91 14.05 -1.64
CA TYR A 93 -19.43 12.85 -0.96
C TYR A 93 -19.93 11.67 -1.80
N ALA A 94 -19.11 11.29 -2.77
CA ALA A 94 -19.47 10.30 -3.77
C ALA A 94 -18.96 8.88 -3.49
N ASN A 95 -18.69 8.58 -2.27
CA ASN A 95 -18.53 7.19 -1.87
C ASN A 95 -19.95 6.67 -1.65
N PRO A 96 -20.36 5.69 -2.47
CA PRO A 96 -21.74 5.22 -2.30
C PRO A 96 -22.01 4.58 -0.95
N VAL A 97 -21.00 4.07 -0.24
CA VAL A 97 -21.20 3.42 1.01
C VAL A 97 -20.44 4.14 2.05
N LYS A 98 -21.13 4.97 2.81
CA LYS A 98 -20.45 5.88 3.76
C LYS A 98 -20.25 5.30 5.14
N ASP A 99 -19.22 5.70 5.86
CA ASP A 99 -19.04 5.26 7.23
C ASP A 99 -19.44 6.35 8.21
N ALA A 100 -19.42 6.03 9.49
CA ALA A 100 -19.90 6.95 10.49
C ALA A 100 -19.11 8.25 10.52
N ARG A 101 -17.80 8.15 10.47
CA ARG A 101 -16.96 9.32 10.51
C ARG A 101 -17.19 10.21 9.31
N GLY A 102 -17.38 9.61 8.14
CA GLY A 102 -17.65 10.39 6.96
C GLY A 102 -18.96 11.14 7.02
N LEU A 103 -20.01 10.49 7.49
CA LEU A 103 -21.29 11.16 7.60
C LEU A 103 -21.25 12.30 8.63
N LYS A 104 -20.55 12.09 9.71
CA LYS A 104 -20.36 13.15 10.70
C LYS A 104 -19.58 14.33 10.15
N ALA A 105 -18.52 14.06 9.41
CA ALA A 105 -17.81 15.17 8.74
C ALA A 105 -18.65 15.91 7.74
N ALA A 106 -19.46 15.17 6.99
CA ALA A 106 -20.34 15.78 6.04
C ALA A 106 -21.30 16.75 6.74
N ALA A 107 -21.87 16.31 7.85
CA ALA A 107 -22.82 17.14 8.63
C ALA A 107 -22.10 18.39 9.12
N ASP A 108 -20.97 18.17 9.76
CA ASP A 108 -20.13 19.32 10.27
C ASP A 108 -19.78 20.36 9.22
N TYR A 109 -19.47 19.92 7.99
CA TYR A 109 -19.04 20.86 6.99
C TYR A 109 -20.06 21.30 6.05
N ASN A 110 -21.33 20.89 6.29
CA ASN A 110 -22.44 21.29 5.43
C ASN A 110 -22.25 20.70 4.01
N VAL A 111 -21.71 19.49 3.95
CA VAL A 111 -21.64 18.77 2.70
C VAL A 111 -23.01 18.14 2.56
N ARG A 112 -23.73 18.49 1.53
CA ARG A 112 -25.07 17.98 1.34
C ARG A 112 -25.37 17.47 -0.08
N ARG A 113 -24.37 16.85 -0.71
CA ARG A 113 -24.58 16.28 -2.08
C ARG A 113 -23.91 14.94 -1.92
N PHE A 114 -24.67 13.88 -2.16
CA PHE A 114 -24.27 12.51 -1.90
C PHE A 114 -24.59 11.67 -3.13
N THR A 115 -23.85 10.60 -3.33
CA THR A 115 -24.29 9.46 -4.20
C THR A 115 -24.66 8.27 -3.40
N PHE A 116 -25.47 7.41 -3.99
CA PHE A 116 -25.81 6.13 -3.42
C PHE A 116 -26.23 5.11 -4.49
N ASP A 117 -26.10 3.84 -4.17
CA ASP A 117 -26.51 2.78 -5.07
C ASP A 117 -27.26 1.64 -4.42
N ASP A 118 -27.69 1.82 -3.18
CA ASP A 118 -28.34 0.73 -2.45
C ASP A 118 -29.45 1.22 -1.51
N PRO A 119 -30.48 0.41 -1.30
CA PRO A 119 -31.49 0.91 -0.32
C PRO A 119 -30.96 1.00 1.09
N SER A 120 -29.93 0.22 1.45
CA SER A 120 -29.38 0.27 2.77
C SER A 120 -28.64 1.58 3.13
N GLU A 121 -28.35 2.39 2.12
CA GLU A 121 -27.69 3.68 2.28
C GLU A 121 -28.62 4.84 2.66
N ILE A 122 -29.90 4.67 2.37
CA ILE A 122 -30.85 5.78 2.43
C ILE A 122 -31.01 6.25 3.86
N ASP A 123 -31.33 5.32 4.77
CA ASP A 123 -31.55 5.76 6.17
C ASP A 123 -30.34 6.41 6.84
N LYS A 124 -29.14 5.92 6.58
CA LYS A 124 -27.88 6.50 7.05
C LYS A 124 -27.79 7.96 6.57
N MET A 125 -28.05 8.21 5.28
CA MET A 125 -27.93 9.55 4.69
C MET A 125 -29.01 10.52 5.27
N ALA A 126 -30.25 10.02 5.32
CA ALA A 126 -31.38 10.82 5.80
C ALA A 126 -31.21 11.21 7.25
N LYS A 127 -30.61 10.33 8.05
CA LYS A 127 -30.36 10.61 9.42
C LYS A 127 -29.23 11.63 9.60
N ALA A 128 -28.17 11.54 8.81
CA ALA A 128 -26.98 12.35 9.05
C ALA A 128 -27.16 13.72 8.49
N VAL A 129 -27.77 13.83 7.32
CA VAL A 129 -27.95 15.11 6.63
C VAL A 129 -29.32 15.15 5.98
N PRO A 130 -30.36 15.36 6.81
CA PRO A 130 -31.71 15.39 6.23
C PRO A 130 -31.88 16.44 5.16
N GLY A 131 -32.60 16.09 4.11
CA GLY A 131 -32.84 16.98 3.02
C GLY A 131 -31.67 17.08 2.00
N ALA A 132 -30.64 16.29 2.18
CA ALA A 132 -29.43 16.32 1.24
C ALA A 132 -29.82 16.00 -0.15
N ASP A 133 -29.16 16.63 -1.12
CA ASP A 133 -29.28 16.25 -2.49
C ASP A 133 -28.62 14.87 -2.70
N VAL A 134 -29.34 13.99 -3.38
CA VAL A 134 -28.79 12.67 -3.73
C VAL A 134 -28.89 12.37 -5.20
N LEU A 135 -27.80 11.78 -5.76
CA LEU A 135 -27.79 11.25 -7.09
C LEU A 135 -27.64 9.74 -6.95
N VAL A 136 -28.49 9.01 -7.68
CA VAL A 136 -28.43 7.59 -7.62
C VAL A 136 -27.42 7.15 -8.71
N ARG A 137 -26.55 6.22 -8.33
CA ARG A 137 -25.50 5.76 -9.26
C ARG A 137 -25.99 4.49 -9.90
N ILE A 138 -26.04 4.49 -11.19
CA ILE A 138 -26.41 3.33 -12.01
C ILE A 138 -25.16 2.57 -12.50
N ALA A 139 -25.33 1.26 -12.59
CA ALA A 139 -24.36 0.38 -13.15
C ALA A 139 -24.43 0.46 -14.68
N VAL A 140 -23.29 0.70 -15.31
CA VAL A 140 -23.15 0.85 -16.72
C VAL A 140 -22.07 -0.07 -17.31
N ARG A 141 -22.15 -0.27 -18.61
CA ARG A 141 -21.23 -1.16 -19.35
C ARG A 141 -19.97 -0.45 -19.81
N ASN A 142 -18.87 -1.19 -19.85
CA ASN A 142 -17.63 -0.70 -20.43
C ASN A 142 -16.67 -1.84 -20.68
N ASN A 143 -16.47 -2.04 -21.99
N ASN A 143 -16.47 -2.05 -21.99
CA ASN A 143 -15.59 -3.12 -22.37
CA ASN A 143 -15.57 -3.16 -22.34
C ASN A 143 -14.11 -2.73 -22.40
C ASN A 143 -14.11 -2.73 -22.40
N LYS A 144 -13.80 -1.43 -22.16
CA LYS A 144 -12.43 -0.99 -22.16
C LYS A 144 -12.01 -0.18 -20.92
N ALA A 145 -12.34 -0.69 -19.75
CA ALA A 145 -11.97 0.00 -18.52
C ALA A 145 -10.88 -0.81 -17.83
N LEU A 146 -9.82 -0.16 -17.41
CA LEU A 146 -8.78 -0.88 -16.66
C LEU A 146 -9.26 -1.34 -15.31
N VAL A 147 -10.06 -0.51 -14.67
CA VAL A 147 -10.60 -0.74 -13.34
C VAL A 147 -12.11 -0.78 -13.51
N ASP A 148 -12.70 -1.91 -13.16
CA ASP A 148 -14.16 -2.06 -13.23
C ASP A 148 -14.81 -1.34 -12.05
N LEU A 149 -15.69 -0.39 -12.34
CA LEU A 149 -16.32 0.38 -11.30
C LEU A 149 -17.84 0.13 -11.30
N ASN A 150 -18.24 -1.05 -11.79
CA ASN A 150 -19.69 -1.31 -11.94
C ASN A 150 -20.13 -2.66 -11.44
N THR A 151 -19.26 -3.35 -10.72
CA THR A 151 -19.66 -4.57 -10.00
C THR A 151 -19.90 -4.30 -8.53
N LYS A 152 -18.87 -3.80 -7.83
CA LYS A 152 -18.97 -3.32 -6.44
C LYS A 152 -19.92 -2.12 -6.28
N PHE A 153 -20.07 -1.33 -7.33
CA PHE A 153 -20.87 -0.07 -7.33
C PHE A 153 -21.92 -0.09 -8.39
N GLY A 154 -22.99 0.68 -8.19
CA GLY A 154 -23.92 0.98 -9.24
C GLY A 154 -25.16 0.08 -9.03
N ALA A 155 -26.34 0.67 -9.01
CA ALA A 155 -27.61 -0.08 -8.97
C ALA A 155 -28.02 -0.51 -10.33
N PRO A 156 -28.77 -1.63 -10.44
CA PRO A 156 -29.39 -1.93 -11.72
C PRO A 156 -30.25 -0.78 -12.21
N VAL A 157 -30.22 -0.49 -13.49
CA VAL A 157 -30.93 0.70 -14.01
C VAL A 157 -32.43 0.60 -13.70
N GLU A 158 -32.97 -0.61 -13.65
CA GLU A 158 -34.38 -0.76 -13.38
C GLU A 158 -34.76 -0.52 -11.91
N GLU A 159 -33.77 -0.35 -11.02
CA GLU A 159 -34.04 0.01 -9.64
C GLU A 159 -33.80 1.49 -9.38
N ALA A 160 -33.21 2.20 -10.32
CA ALA A 160 -32.76 3.59 -10.10
C ALA A 160 -33.88 4.50 -9.64
N LEU A 161 -35.03 4.48 -10.33
CA LEU A 161 -36.09 5.43 -9.98
C LEU A 161 -36.76 5.01 -8.70
N ASP A 162 -36.91 3.71 -8.47
CA ASP A 162 -37.34 3.24 -7.16
C ASP A 162 -36.46 3.67 -6.00
N LEU A 163 -35.12 3.66 -6.19
CA LEU A 163 -34.26 4.19 -5.17
C LEU A 163 -34.41 5.72 -4.94
N LEU A 164 -34.53 6.49 -6.00
CA LEU A 164 -34.73 7.91 -5.86
C LEU A 164 -36.09 8.17 -5.12
N LYS A 165 -37.13 7.43 -5.50
CA LYS A 165 -38.45 7.59 -4.84
C LYS A 165 -38.34 7.22 -3.38
N ALA A 166 -37.61 6.15 -2.98
CA ALA A 166 -37.43 5.82 -1.56
C ALA A 166 -36.64 6.89 -0.81
N ALA A 167 -35.61 7.42 -1.48
CA ALA A 167 -34.85 8.46 -0.84
C ALA A 167 -35.75 9.69 -0.61
N GLN A 168 -36.49 10.09 -1.64
CA GLN A 168 -37.53 11.16 -1.52
C GLN A 168 -38.48 10.90 -0.36
N ASP A 169 -39.00 9.68 -0.29
CA ASP A 169 -39.83 9.31 0.87
C ASP A 169 -39.16 9.49 2.22
N ALA A 170 -37.84 9.29 2.31
CA ALA A 170 -37.15 9.54 3.51
C ALA A 170 -36.70 11.01 3.75
N GLY A 171 -37.11 11.92 2.88
CA GLY A 171 -36.87 13.36 3.06
C GLY A 171 -35.62 13.87 2.41
N LEU A 172 -34.97 13.02 1.63
CA LEU A 172 -33.84 13.47 0.78
C LEU A 172 -34.33 14.10 -0.45
N HIS A 173 -33.48 14.91 -1.12
CA HIS A 173 -33.88 15.51 -2.31
C HIS A 173 -33.39 14.66 -3.49
N ALA A 174 -34.32 14.09 -4.26
CA ALA A 174 -34.00 13.27 -5.43
C ALA A 174 -33.58 14.15 -6.58
N MET A 175 -32.25 14.30 -6.72
CA MET A 175 -31.70 15.36 -7.55
C MET A 175 -31.30 14.89 -8.94
N GLY A 176 -30.87 13.65 -9.01
CA GLY A 176 -30.44 13.14 -10.31
C GLY A 176 -29.75 11.77 -10.32
N ILE A 177 -29.00 11.60 -11.37
CA ILE A 177 -28.37 10.33 -11.72
C ILE A 177 -26.86 10.57 -11.94
N CYS A 178 -26.10 9.58 -11.50
CA CYS A 178 -24.66 9.51 -11.77
C CYS A 178 -24.23 8.12 -12.24
N PHE A 179 -23.04 8.09 -12.81
CA PHE A 179 -22.45 6.87 -13.26
C PHE A 179 -20.91 7.08 -13.35
N HIS A 180 -20.20 5.94 -13.29
CA HIS A 180 -18.73 5.98 -13.57
C HIS A 180 -18.51 4.80 -14.50
N VAL A 181 -17.94 5.09 -15.63
CA VAL A 181 -17.74 4.06 -16.66
C VAL A 181 -16.60 3.05 -16.32
N GLY A 182 -15.79 3.45 -15.35
CA GLY A 182 -14.60 2.73 -14.94
C GLY A 182 -13.34 3.55 -15.17
N SER A 183 -12.27 3.19 -14.47
CA SER A 183 -11.03 3.94 -14.55
C SER A 183 -10.15 3.58 -15.75
N GLN A 184 -9.45 4.57 -16.27
CA GLN A 184 -8.65 4.39 -17.45
C GLN A 184 -9.49 3.81 -18.56
N SER A 185 -10.54 4.53 -18.95
CA SER A 185 -11.41 4.09 -20.00
C SER A 185 -10.83 4.47 -21.35
N LEU A 186 -10.68 3.49 -22.21
CA LEU A 186 -10.27 3.74 -23.59
C LEU A 186 -11.51 3.76 -24.50
N SER A 187 -12.70 3.70 -23.91
CA SER A 187 -13.96 3.78 -24.65
C SER A 187 -14.62 5.12 -24.49
N THR A 188 -14.90 5.76 -25.61
CA THR A 188 -15.82 6.92 -25.68
C THR A 188 -17.29 6.49 -25.67
N ALA A 189 -17.56 5.40 -26.38
CA ALA A 189 -18.93 4.86 -26.47
C ALA A 189 -19.58 4.54 -25.15
N ALA A 190 -18.79 4.13 -24.18
CA ALA A 190 -19.35 3.82 -22.88
C ALA A 190 -20.00 5.07 -22.29
N TYR A 191 -19.37 6.22 -22.44
CA TYR A 191 -19.98 7.45 -21.99
C TYR A 191 -21.26 7.77 -22.78
N GLU A 192 -21.20 7.58 -24.08
CA GLU A 192 -22.35 7.89 -24.93
C GLU A 192 -23.55 7.03 -24.60
N GLU A 193 -23.30 5.75 -24.38
CA GLU A 193 -24.33 4.79 -23.99
C GLU A 193 -24.97 5.10 -22.61
N ALA A 194 -24.15 5.43 -21.63
CA ALA A 194 -24.62 5.80 -20.30
C ALA A 194 -25.51 7.02 -20.33
N LEU A 195 -25.11 7.96 -21.15
CA LEU A 195 -25.91 9.15 -21.40
C LEU A 195 -27.32 8.86 -21.96
N LEU A 196 -27.41 7.91 -22.86
CA LEU A 196 -28.75 7.56 -23.47
C LEU A 196 -29.58 6.91 -22.41
N VAL A 197 -28.97 6.02 -21.64
CA VAL A 197 -29.69 5.37 -20.54
C VAL A 197 -30.23 6.37 -19.53
N ALA A 198 -29.38 7.33 -19.16
CA ALA A 198 -29.79 8.34 -18.19
C ALA A 198 -30.94 9.22 -18.74
N ARG A 199 -30.90 9.50 -20.03
CA ARG A 199 -31.93 10.30 -20.72
C ARG A 199 -33.28 9.63 -20.58
N ARG A 200 -33.35 8.34 -20.82
CA ARG A 200 -34.60 7.59 -20.66
C ARG A 200 -35.06 7.66 -19.21
N LEU A 201 -34.16 7.42 -18.28
CA LEU A 201 -34.50 7.54 -16.83
C LEU A 201 -35.00 8.90 -16.45
N PHE A 202 -34.36 9.97 -16.94
CA PHE A 202 -34.85 11.30 -16.59
C PHE A 202 -36.33 11.51 -17.11
N ASP A 203 -36.59 11.04 -18.32
CA ASP A 203 -37.91 11.16 -18.89
C ASP A 203 -38.95 10.40 -18.07
N GLU A 204 -38.62 9.17 -17.68
CA GLU A 204 -39.54 8.36 -16.83
C GLU A 204 -39.73 9.00 -15.45
N ALA A 205 -38.67 9.52 -14.86
CA ALA A 205 -38.81 10.25 -13.58
C ALA A 205 -39.80 11.43 -13.71
N GLU A 206 -39.74 12.17 -14.80
CA GLU A 206 -40.50 13.38 -14.96
C GLU A 206 -41.98 13.08 -14.90
N GLU A 207 -42.34 11.95 -15.50
CA GLU A 207 -43.70 11.44 -15.50
C GLU A 207 -44.18 11.09 -14.13
N MET A 208 -43.29 10.59 -13.29
CA MET A 208 -43.61 10.22 -11.93
C MET A 208 -43.67 11.48 -11.07
N GLY A 209 -43.44 12.63 -11.66
CA GLY A 209 -43.45 13.88 -10.93
C GLY A 209 -42.18 14.23 -10.17
N MET A 210 -41.12 13.44 -10.36
CA MET A 210 -39.82 13.68 -9.76
C MET A 210 -39.07 14.48 -10.82
N HIS A 211 -38.55 15.66 -10.51
CA HIS A 211 -37.94 16.36 -11.61
C HIS A 211 -36.47 16.34 -11.33
N LEU A 212 -35.74 15.70 -12.23
CA LEU A 212 -34.27 15.52 -11.95
C LEU A 212 -33.57 16.65 -12.68
N THR A 213 -32.67 17.25 -11.98
CA THR A 213 -32.01 18.49 -12.43
C THR A 213 -30.49 18.32 -12.79
N ASP A 214 -29.85 17.30 -12.21
CA ASP A 214 -28.39 17.12 -12.26
C ASP A 214 -27.97 15.74 -12.73
N LEU A 215 -26.92 15.70 -13.55
CA LEU A 215 -26.40 14.45 -14.07
C LEU A 215 -24.84 14.51 -13.83
N ASP A 216 -24.28 13.48 -13.21
CA ASP A 216 -22.81 13.40 -12.97
C ASP A 216 -22.32 12.17 -13.76
N ILE A 217 -21.48 12.44 -14.75
CA ILE A 217 -20.93 11.47 -15.62
C ILE A 217 -19.66 10.72 -15.13
N GLY A 218 -19.22 11.02 -13.92
CA GLY A 218 -18.07 10.33 -13.32
C GLY A 218 -16.76 10.70 -13.98
N GLY A 219 -15.73 9.87 -13.80
CA GLY A 219 -14.42 10.15 -14.36
C GLY A 219 -14.06 9.19 -15.44
N GLY A 220 -12.82 8.67 -15.36
CA GLY A 220 -12.34 7.62 -16.24
C GLY A 220 -11.51 8.08 -17.42
N PHE A 221 -11.39 9.38 -17.58
CA PHE A 221 -10.58 9.90 -18.65
C PHE A 221 -9.12 9.32 -18.47
N PRO A 222 -8.49 8.83 -19.55
CA PRO A 222 -7.25 8.09 -19.41
C PRO A 222 -6.02 8.92 -19.46
N VAL A 223 -4.96 8.34 -18.99
CA VAL A 223 -3.60 8.98 -19.01
C VAL A 223 -2.60 7.98 -19.67
N PRO A 224 -1.52 8.49 -20.28
CA PRO A 224 -0.50 7.67 -20.93
C PRO A 224 0.25 6.82 -19.87
N ASP A 225 0.59 5.60 -20.29
CA ASP A 225 1.42 4.73 -19.50
C ASP A 225 2.74 4.47 -20.26
N CYS A 226 3.49 3.42 -19.93
CA CYS A 226 4.81 3.20 -20.60
C CYS A 226 4.65 2.94 -22.13
N LYS A 227 3.45 2.68 -22.61
CA LYS A 227 3.17 2.64 -24.08
C LYS A 227 2.38 3.79 -24.64
N GLY A 228 2.35 4.93 -23.96
CA GLY A 228 1.66 6.12 -24.44
C GLY A 228 0.17 5.98 -24.16
N LEU A 229 -0.61 6.72 -24.93
CA LEU A 229 -2.10 6.75 -24.74
C LEU A 229 -2.66 6.66 -26.16
N ASN A 230 -3.42 5.59 -26.44
CA ASN A 230 -3.93 5.35 -27.73
C ASN A 230 -5.27 6.00 -28.02
N VAL A 231 -5.68 6.93 -27.19
CA VAL A 231 -6.94 7.70 -27.34
C VAL A 231 -6.57 9.15 -27.62
N ASP A 232 -7.33 9.81 -28.45
CA ASP A 232 -7.21 11.24 -28.62
C ASP A 232 -8.13 11.87 -27.58
N LEU A 233 -7.57 12.54 -26.58
CA LEU A 233 -8.44 13.06 -25.50
C LEU A 233 -9.32 14.18 -25.93
N ALA A 234 -8.87 15.09 -26.80
CA ALA A 234 -9.74 16.09 -27.25
C ALA A 234 -10.99 15.49 -27.94
N ALA A 235 -10.79 14.52 -28.80
CA ALA A 235 -11.92 13.93 -29.53
C ALA A 235 -12.83 13.21 -28.55
N MET A 236 -12.23 12.46 -27.62
CA MET A 236 -13.07 11.85 -26.54
C MET A 236 -13.93 12.87 -25.83
N MET A 237 -13.31 13.94 -25.33
CA MET A 237 -14.04 14.88 -24.58
C MET A 237 -15.12 15.60 -25.45
N GLU A 238 -14.77 15.95 -26.68
CA GLU A 238 -15.71 16.64 -27.54
C GLU A 238 -16.94 15.77 -27.83
N ALA A 239 -16.71 14.48 -28.03
CA ALA A 239 -17.80 13.50 -28.33
C ALA A 239 -18.69 13.34 -27.11
N ILE A 240 -18.13 13.33 -25.93
CA ILE A 240 -18.95 13.32 -24.69
C ILE A 240 -19.77 14.61 -24.63
N ASN A 241 -19.10 15.76 -24.83
CA ASN A 241 -19.78 17.06 -24.75
C ASN A 241 -20.93 17.13 -25.78
N LYS A 242 -20.68 16.59 -26.97
CA LYS A 242 -21.66 16.63 -28.08
C LYS A 242 -22.92 15.85 -27.63
N GLN A 243 -22.71 14.72 -26.97
CA GLN A 243 -23.81 13.88 -26.55
C GLN A 243 -24.53 14.52 -25.39
N ILE A 244 -23.83 15.26 -24.53
CA ILE A 244 -24.50 15.97 -23.48
C ILE A 244 -25.33 17.14 -24.04
N ASP A 245 -24.80 17.87 -25.00
CA ASP A 245 -25.62 18.94 -25.62
C ASP A 245 -26.89 18.37 -26.30
N ARG A 246 -26.74 17.23 -26.96
CA ARG A 246 -27.78 16.55 -27.69
C ARG A 246 -28.88 16.12 -26.80
N LEU A 247 -28.55 15.45 -25.73
CA LEU A 247 -29.55 14.86 -24.83
C LEU A 247 -29.91 15.65 -23.63
N PHE A 248 -29.01 16.52 -23.07
CA PHE A 248 -29.22 17.20 -21.82
C PHE A 248 -28.97 18.69 -21.97
N PRO A 249 -29.73 19.36 -22.85
CA PRO A 249 -29.56 20.82 -23.04
C PRO A 249 -29.88 21.66 -21.82
N ASP A 250 -30.78 21.17 -21.01
CA ASP A 250 -31.33 21.89 -19.85
C ASP A 250 -31.09 21.26 -18.50
N THR A 251 -30.09 20.40 -18.40
CA THR A 251 -29.73 19.77 -17.14
C THR A 251 -28.33 20.29 -16.73
N ALA A 252 -28.09 20.43 -15.43
CA ALA A 252 -26.77 20.75 -14.82
C ALA A 252 -25.96 19.47 -14.83
N VAL A 253 -24.94 19.46 -15.67
CA VAL A 253 -24.08 18.27 -15.85
C VAL A 253 -22.70 18.46 -15.27
N TRP A 254 -22.17 17.37 -14.73
CA TRP A 254 -20.96 17.41 -13.95
C TRP A 254 -20.10 16.19 -14.23
N THR A 255 -18.81 16.35 -13.93
CA THR A 255 -17.86 15.24 -14.11
C THR A 255 -16.96 15.15 -12.90
N GLU A 256 -16.40 13.98 -12.66
CA GLU A 256 -15.58 13.66 -11.52
C GLU A 256 -14.21 13.11 -11.98
N PRO A 257 -13.45 13.85 -12.78
CA PRO A 257 -12.13 13.35 -13.16
C PRO A 257 -11.19 13.27 -11.96
N GLY A 258 -10.49 12.12 -11.82
CA GLY A 258 -9.39 11.97 -10.88
C GLY A 258 -8.06 11.86 -11.67
N ARG A 259 -7.81 10.68 -12.25
CA ARG A 259 -6.52 10.34 -12.89
C ARG A 259 -6.00 11.41 -13.83
N TYR A 260 -6.89 11.93 -14.63
CA TYR A 260 -6.54 12.83 -15.70
C TYR A 260 -5.92 14.15 -15.18
N MET A 261 -6.44 14.67 -14.09
CA MET A 261 -6.13 16.04 -13.71
C MET A 261 -4.63 16.19 -13.41
N CYS A 262 -4.02 15.23 -12.71
CA CYS A 262 -2.60 15.38 -12.33
C CYS A 262 -1.71 14.32 -12.92
N GLY A 263 -2.25 13.30 -13.61
CA GLY A 263 -1.44 12.19 -14.01
C GLY A 263 -0.22 12.60 -14.79
N THR A 264 -0.44 13.50 -15.72
CA THR A 264 0.62 13.97 -16.61
C THR A 264 1.35 15.24 -16.05
N ALA A 265 1.15 15.57 -14.78
CA ALA A 265 1.73 16.73 -14.17
C ALA A 265 2.81 16.45 -13.13
N VAL A 266 3.19 15.20 -12.89
CA VAL A 266 4.05 14.79 -11.81
C VAL A 266 5.12 13.82 -12.32
N ASN A 267 6.37 13.97 -11.89
CA ASN A 267 7.46 13.08 -12.22
C ASN A 267 8.05 12.57 -10.89
N LEU A 268 8.58 11.36 -10.89
CA LEU A 268 9.38 10.83 -9.80
C LEU A 268 10.83 10.86 -10.12
N VAL A 269 11.63 11.31 -9.16
CA VAL A 269 13.11 11.26 -9.26
C VAL A 269 13.63 10.32 -8.18
N THR A 270 14.33 9.30 -8.61
CA THR A 270 14.83 8.25 -7.74
C THR A 270 16.26 7.94 -8.07
N SER A 271 17.05 7.60 -7.07
CA SER A 271 18.48 7.25 -7.28
C SER A 271 18.70 5.74 -7.31
N VAL A 272 19.70 5.37 -8.10
CA VAL A 272 20.32 4.03 -8.03
C VAL A 272 21.17 3.98 -6.74
N ILE A 273 20.76 3.10 -5.85
CA ILE A 273 21.47 2.89 -4.59
C ILE A 273 22.34 1.63 -4.58
N GLY A 274 22.10 0.74 -5.52
CA GLY A 274 22.93 -0.46 -5.67
C GLY A 274 22.87 -1.01 -7.07
N THR A 275 23.95 -1.68 -7.47
CA THR A 275 23.99 -2.44 -8.69
C THR A 275 24.28 -3.92 -8.39
N LYS A 276 23.91 -4.78 -9.32
CA LYS A 276 24.32 -6.16 -9.34
C LYS A 276 24.74 -6.46 -10.77
N THR A 277 26.04 -6.50 -11.02
CA THR A 277 26.55 -6.70 -12.37
C THR A 277 26.87 -8.14 -12.73
N ARG A 278 26.75 -9.07 -11.79
CA ARG A 278 27.16 -10.43 -12.06
C ARG A 278 26.25 -11.03 -13.12
N GLY A 279 26.74 -11.97 -13.91
CA GLY A 279 25.81 -12.48 -14.94
C GLY A 279 25.25 -11.53 -16.03
N GLU A 280 24.24 -12.00 -16.76
CA GLU A 280 23.96 -11.38 -18.08
C GLU A 280 23.03 -10.17 -18.01
N GLN A 281 22.08 -10.21 -17.09
CA GLN A 281 21.17 -9.08 -16.92
C GLN A 281 21.56 -8.26 -15.66
N PRO A 282 22.08 -7.04 -15.82
CA PRO A 282 22.35 -6.29 -14.61
C PRO A 282 21.08 -5.94 -13.85
N TRP A 283 21.21 -5.76 -12.54
CA TRP A 283 20.13 -5.22 -11.70
C TRP A 283 20.55 -3.88 -11.16
N TYR A 284 19.57 -3.01 -11.06
CA TYR A 284 19.71 -1.77 -10.38
C TYR A 284 18.65 -1.67 -9.29
N ILE A 285 19.11 -1.29 -8.10
CA ILE A 285 18.24 -1.09 -6.96
C ILE A 285 18.00 0.40 -6.78
N LEU A 286 16.72 0.79 -6.82
CA LEU A 286 16.32 2.21 -6.65
C LEU A 286 15.88 2.54 -5.23
N ASP A 287 15.88 3.83 -4.85
CA ASP A 287 15.42 4.24 -3.57
C ASP A 287 13.93 4.48 -3.44
N GLU A 288 13.18 4.16 -4.46
CA GLU A 288 11.75 4.11 -4.44
C GLU A 288 11.29 2.80 -5.05
N GLY A 289 10.22 2.22 -4.54
CA GLY A 289 9.78 0.89 -5.06
C GLY A 289 8.26 0.65 -4.93
N ILE A 290 7.92 -0.64 -4.95
CA ILE A 290 6.54 -1.09 -5.07
C ILE A 290 5.72 -0.82 -3.81
N TYR A 291 6.38 -0.53 -2.69
CA TYR A 291 5.65 -0.11 -1.49
C TYR A 291 5.55 1.39 -1.36
N GLY A 292 6.07 2.11 -2.36
CA GLY A 292 5.88 3.56 -2.45
C GLY A 292 5.13 3.94 -3.69
N CYS A 293 5.66 4.91 -4.46
CA CYS A 293 5.00 5.41 -5.64
C CYS A 293 4.73 4.34 -6.72
N PHE A 294 5.51 3.28 -6.75
CA PHE A 294 5.26 2.21 -7.72
C PHE A 294 4.22 1.23 -7.25
N SER A 295 3.54 1.51 -6.12
CA SER A 295 2.39 0.69 -5.70
C SER A 295 1.28 0.57 -6.70
N GLY A 296 1.16 1.52 -7.65
CA GLY A 296 0.26 1.41 -8.77
C GLY A 296 0.48 0.17 -9.65
N ILE A 297 1.70 -0.38 -9.65
CA ILE A 297 1.95 -1.68 -10.30
C ILE A 297 0.97 -2.68 -9.77
N MET A 298 0.81 -2.66 -8.46
CA MET A 298 0.02 -3.68 -7.75
C MET A 298 -1.46 -3.35 -7.74
N TYR A 299 -1.80 -2.17 -7.32
CA TYR A 299 -3.21 -1.82 -7.15
C TYR A 299 -3.86 -1.31 -8.41
N ASP A 300 -3.12 -0.77 -9.33
CA ASP A 300 -3.69 0.00 -10.48
C ASP A 300 -3.24 -0.66 -11.78
N HIS A 301 -2.69 -1.91 -11.69
CA HIS A 301 -2.26 -2.73 -12.81
C HIS A 301 -1.40 -1.91 -13.80
N TRP A 302 -0.55 -1.04 -13.31
CA TRP A 302 0.04 0.01 -14.15
C TRP A 302 1.51 -0.21 -14.53
N CYS A 303 1.94 0.35 -15.66
CA CYS A 303 3.37 0.28 -16.08
C CYS A 303 3.80 1.68 -16.32
N TYR A 304 4.70 2.27 -15.52
CA TYR A 304 5.08 3.67 -15.62
C TYR A 304 6.25 3.85 -16.58
N PRO A 305 6.31 4.98 -17.31
CA PRO A 305 7.43 5.23 -18.21
C PRO A 305 8.71 5.59 -17.43
N LEU A 306 9.71 4.74 -17.52
CA LEU A 306 11.01 4.93 -16.93
C LEU A 306 11.98 5.51 -17.92
N HIS A 307 12.72 6.53 -17.53
CA HIS A 307 13.74 7.15 -18.35
C HIS A 307 15.09 7.07 -17.66
N CYS A 308 16.06 6.50 -18.34
CA CYS A 308 17.45 6.41 -17.83
C CYS A 308 18.28 7.38 -18.62
N PHE A 309 19.29 7.92 -18.05
CA PHE A 309 20.12 8.88 -18.81
C PHE A 309 21.50 8.18 -19.15
N GLY A 310 22.14 8.55 -20.25
CA GLY A 310 23.44 7.97 -20.66
C GLY A 310 23.35 7.57 -22.12
N LYS A 311 24.43 7.79 -22.90
CA LYS A 311 24.38 7.67 -24.41
C LYS A 311 25.01 6.37 -25.01
N GLY A 312 25.57 5.52 -24.12
CA GLY A 312 26.23 4.25 -24.48
C GLY A 312 25.27 3.10 -24.71
N ASN A 313 25.81 1.91 -24.94
CA ASN A 313 24.99 0.81 -25.37
C ASN A 313 24.09 0.39 -24.18
N LYS A 314 22.95 -0.14 -24.52
CA LYS A 314 21.91 -0.54 -23.60
C LYS A 314 21.82 -2.01 -23.65
N LYS A 315 21.44 -2.59 -22.54
CA LYS A 315 21.12 -3.99 -22.52
C LYS A 315 19.95 -4.30 -21.57
N PRO A 316 19.33 -5.47 -21.73
CA PRO A 316 18.21 -5.75 -20.87
C PRO A 316 18.62 -5.80 -19.45
N SER A 317 17.84 -5.08 -18.61
CA SER A 317 18.17 -4.85 -17.19
C SER A 317 16.93 -4.98 -16.29
N THR A 318 17.16 -5.34 -15.03
CA THR A 318 16.12 -5.40 -14.05
C THR A 318 16.26 -4.25 -13.03
N PHE A 319 15.12 -3.67 -12.59
CA PHE A 319 15.11 -2.61 -11.60
C PHE A 319 14.28 -3.11 -10.46
N GLY A 320 14.80 -2.95 -9.24
CA GLY A 320 14.04 -3.33 -8.03
C GLY A 320 14.04 -2.14 -7.11
N GLY A 321 13.11 -2.21 -6.16
CA GLY A 321 12.99 -1.21 -5.14
C GLY A 321 13.87 -1.52 -3.93
N PRO A 322 13.78 -0.67 -2.90
CA PRO A 322 14.72 -0.71 -1.79
C PRO A 322 14.31 -1.61 -0.63
N SER A 323 13.15 -2.19 -0.67
CA SER A 323 12.69 -3.04 0.43
C SER A 323 13.37 -4.40 0.44
N CYS A 324 13.17 -5.09 1.55
CA CYS A 324 13.69 -6.44 1.77
C CYS A 324 12.77 -7.52 1.24
N ASP A 325 11.78 -7.18 0.43
CA ASP A 325 10.76 -8.13 -0.05
C ASP A 325 11.06 -8.48 -1.52
N GLY A 326 10.90 -9.75 -1.82
CA GLY A 326 11.08 -10.29 -3.16
C GLY A 326 10.13 -9.74 -4.21
N ILE A 327 8.96 -9.33 -3.77
CA ILE A 327 7.98 -8.77 -4.66
C ILE A 327 8.38 -7.39 -5.21
N ASP A 328 9.38 -6.76 -4.60
CA ASP A 328 9.73 -5.40 -4.95
C ASP A 328 10.62 -5.35 -6.20
N VAL A 329 10.09 -5.86 -7.30
CA VAL A 329 10.77 -5.81 -8.58
C VAL A 329 9.89 -5.00 -9.52
N LEU A 330 10.48 -3.99 -10.14
CA LEU A 330 9.67 -2.98 -10.81
C LEU A 330 9.65 -3.23 -12.35
N TYR A 331 10.82 -3.48 -12.92
CA TYR A 331 10.97 -3.75 -14.38
C TYR A 331 11.94 -4.89 -14.57
N ARG A 332 11.65 -5.73 -15.59
CA ARG A 332 12.55 -6.81 -16.04
C ARG A 332 12.78 -6.68 -17.54
N ASP A 333 13.98 -7.03 -17.98
CA ASP A 333 14.33 -7.00 -19.44
C ASP A 333 14.12 -5.64 -20.03
N PHE A 334 14.47 -4.62 -19.26
CA PHE A 334 14.28 -3.22 -19.64
C PHE A 334 15.56 -2.75 -20.27
N MET A 335 15.53 -2.23 -21.52
CA MET A 335 16.76 -1.78 -22.16
C MET A 335 17.29 -0.48 -21.51
N ALA A 336 18.44 -0.59 -20.88
CA ALA A 336 19.02 0.44 -20.10
C ALA A 336 20.51 0.54 -20.35
N PRO A 337 21.04 1.80 -20.30
CA PRO A 337 22.46 1.95 -20.30
C PRO A 337 23.09 1.48 -19.04
N GLU A 338 24.43 1.47 -19.03
CA GLU A 338 25.14 1.05 -17.86
C GLU A 338 25.00 2.15 -16.82
N LEU A 339 24.32 1.87 -15.72
CA LEU A 339 24.16 2.82 -14.63
C LEU A 339 25.08 2.53 -13.42
N LYS A 340 25.34 3.55 -12.62
CA LYS A 340 26.20 3.43 -11.45
C LYS A 340 25.45 3.97 -10.26
N ILE A 341 25.86 3.52 -9.08
CA ILE A 341 25.31 4.00 -7.84
C ILE A 341 25.40 5.53 -7.82
N GLY A 342 24.30 6.19 -7.42
CA GLY A 342 24.27 7.65 -7.42
C GLY A 342 23.63 8.27 -8.67
N ASP A 343 23.49 7.51 -9.79
CA ASP A 343 22.76 7.99 -10.98
C ASP A 343 21.28 8.15 -10.60
N LYS A 344 20.65 9.18 -11.15
CA LYS A 344 19.24 9.38 -10.97
C LYS A 344 18.51 8.91 -12.20
N VAL A 345 17.38 8.26 -12.00
CA VAL A 345 16.45 7.97 -13.06
C VAL A 345 15.18 8.75 -12.86
N LEU A 346 14.44 8.85 -13.96
CA LEU A 346 13.21 9.66 -13.98
C LEU A 346 12.01 8.87 -14.41
N VAL A 347 10.91 8.97 -13.64
CA VAL A 347 9.69 8.33 -14.04
C VAL A 347 8.62 9.42 -14.29
N THR A 348 8.03 9.39 -15.47
CA THR A 348 7.08 10.47 -15.93
C THR A 348 5.64 9.98 -15.73
N GLU A 349 4.65 10.86 -15.88
CA GLU A 349 3.25 10.49 -15.79
C GLU A 349 2.98 9.68 -14.50
N MET A 350 3.46 10.22 -13.40
CA MET A 350 3.37 9.60 -12.10
C MET A 350 2.42 10.28 -11.10
N GLY A 351 1.52 11.08 -11.61
CA GLY A 351 0.72 11.92 -10.80
C GLY A 351 -0.50 11.29 -10.15
N SER A 352 -0.94 10.14 -10.61
CA SER A 352 -2.24 9.62 -10.16
C SER A 352 -2.24 8.19 -9.66
N TYR A 353 -2.83 7.96 -8.48
CA TYR A 353 -2.87 6.60 -7.91
C TYR A 353 -1.46 5.98 -7.70
N THR A 354 -0.56 6.85 -7.26
CA THR A 354 0.83 6.47 -7.01
C THR A 354 1.12 6.80 -5.54
N SER A 355 1.39 8.06 -5.25
CA SER A 355 1.72 8.47 -3.90
C SER A 355 0.57 8.17 -2.91
N VAL A 356 -0.67 8.16 -3.40
CA VAL A 356 -1.80 7.89 -2.51
C VAL A 356 -1.85 6.50 -2.01
N SER A 357 -1.19 5.53 -2.68
CA SER A 357 -1.13 4.16 -2.14
C SER A 357 0.26 3.79 -1.66
N ALA A 358 1.12 4.78 -1.46
CA ALA A 358 2.45 4.55 -0.84
C ALA A 358 2.28 4.21 0.65
N THR A 359 3.28 3.57 1.18
CA THR A 359 3.30 3.07 2.58
C THR A 359 4.65 3.36 3.21
N ARG A 360 4.69 3.12 4.52
CA ARG A 360 5.93 3.16 5.26
C ARG A 360 6.47 1.76 5.56
N PHE A 361 6.12 0.80 4.69
CA PHE A 361 6.70 -0.54 4.79
C PHE A 361 8.19 -0.50 4.95
N ASN A 362 8.73 -1.35 5.85
CA ASN A 362 10.17 -1.34 6.16
C ASN A 362 10.71 -0.02 6.78
N GLY A 363 9.79 0.84 7.22
CA GLY A 363 10.08 2.10 7.80
C GLY A 363 10.54 3.18 6.86
N PHE A 364 10.57 2.95 5.56
CA PHE A 364 10.88 4.04 4.68
C PHE A 364 9.94 5.23 4.80
N TYR A 365 10.47 6.45 4.53
CA TYR A 365 9.59 7.60 4.52
C TYR A 365 8.72 7.66 3.27
N LEU A 366 7.59 8.34 3.37
CA LEU A 366 6.80 8.65 2.15
C LEU A 366 7.60 9.64 1.27
N ALA A 367 7.76 9.38 0.00
CA ALA A 367 8.41 10.38 -0.86
C ALA A 367 7.56 11.64 -0.90
N PRO A 368 8.21 12.81 -0.68
CA PRO A 368 7.42 14.05 -0.66
C PRO A 368 7.12 14.55 -2.08
N THR A 369 6.12 15.42 -2.20
CA THR A 369 5.75 16.05 -3.47
C THR A 369 6.26 17.47 -3.42
N ILE A 370 7.25 17.74 -4.25
CA ILE A 370 7.93 19.03 -4.40
C ILE A 370 7.14 19.83 -5.44
N ILE A 371 6.82 21.08 -5.12
CA ILE A 371 6.11 21.95 -6.03
C ILE A 371 7.12 22.60 -6.99
N PHE A 372 7.00 22.30 -8.25
CA PHE A 372 7.97 22.72 -9.24
C PHE A 372 8.05 24.25 -9.37
N GLU A 373 6.93 24.90 -9.25
CA GLU A 373 6.84 26.38 -9.45
C GLU A 373 7.48 27.13 -8.26
N ASP A 374 7.80 26.42 -7.19
CA ASP A 374 8.52 27.04 -6.09
C ASP A 374 10.04 26.87 -6.19
N GLN A 375 10.50 26.26 -7.28
CA GLN A 375 11.91 25.88 -7.42
C GLN A 375 12.57 26.76 -8.44
N PRO A 376 13.88 26.99 -8.29
CA PRO A 376 14.55 27.84 -9.24
C PRO A 376 14.57 27.26 -10.62
N GLU A 377 14.48 25.97 -10.77
CA GLU A 377 14.41 25.38 -12.12
C GLU A 377 13.20 25.86 -12.94
N TYR A 378 12.07 26.09 -12.31
CA TYR A 378 10.90 26.66 -12.98
C TYR A 378 11.14 28.04 -13.43
N ALA A 379 11.71 28.82 -12.51
CA ALA A 379 12.05 30.19 -12.84
C ALA A 379 13.01 30.20 -14.05
N ALA A 380 13.96 29.27 -14.07
CA ALA A 380 14.89 29.17 -15.17
C ALA A 380 14.17 28.87 -16.49
N ARG A 381 13.13 28.06 -16.42
CA ARG A 381 12.32 27.84 -17.60
C ARG A 381 11.65 29.14 -18.08
N LEU A 382 11.16 29.95 -17.15
CA LEU A 382 10.48 31.18 -17.51
C LEU A 382 11.42 32.12 -18.20
N THR A 383 12.61 32.24 -17.67
CA THR A 383 13.60 33.12 -18.28
C THR A 383 14.09 32.62 -19.64
N GLU A 384 14.22 31.32 -19.80
CA GLU A 384 14.58 30.74 -21.08
C GLU A 384 13.51 31.04 -22.17
N ASP A 385 12.20 30.92 -21.86
CA ASP A 385 11.13 31.53 -22.71
C ASP A 385 11.42 33.05 -22.80
N MET B 2 1.20 -22.32 22.44
CA MET B 2 0.04 -23.25 22.42
C MET B 2 -1.13 -22.72 21.55
N LYS B 3 -1.71 -21.55 21.86
CA LYS B 3 -2.90 -21.09 21.09
C LYS B 3 -2.91 -19.60 20.66
N ASN B 4 -3.66 -19.35 19.62
CA ASN B 4 -3.70 -18.02 18.99
C ASN B 4 -4.37 -17.02 19.91
N PHE B 5 -3.99 -15.75 19.87
CA PHE B 5 -4.77 -14.72 20.53
C PHE B 5 -6.05 -14.50 19.74
N ARG B 6 -7.22 -14.58 20.38
CA ARG B 6 -8.53 -14.45 19.75
C ARG B 6 -9.47 -13.82 20.72
N LEU B 7 -10.07 -12.71 20.33
CA LEU B 7 -11.11 -12.05 21.11
C LEU B 7 -12.39 -12.82 21.05
N SER B 8 -13.13 -12.90 22.19
CA SER B 8 -14.42 -13.50 22.16
C SER B 8 -15.42 -12.51 21.57
N GLU B 9 -16.58 -12.99 21.20
CA GLU B 9 -17.63 -12.08 20.69
C GLU B 9 -17.99 -11.02 21.72
N LYS B 10 -18.03 -11.41 23.00
CA LYS B 10 -18.34 -10.42 24.05
C LYS B 10 -17.34 -9.28 24.09
N GLU B 11 -16.07 -9.67 24.00
CA GLU B 11 -14.97 -8.74 24.01
C GLU B 11 -15.02 -7.83 22.80
N VAL B 12 -15.29 -8.39 21.63
CA VAL B 12 -15.47 -7.59 20.43
C VAL B 12 -16.54 -6.52 20.70
N LYS B 13 -17.68 -6.93 21.23
CA LYS B 13 -18.78 -6.00 21.44
C LYS B 13 -18.42 -4.91 22.41
N THR B 14 -17.76 -5.24 23.51
CA THR B 14 -17.45 -4.22 24.52
C THR B 14 -16.34 -3.29 24.06
N LEU B 15 -15.34 -3.83 23.36
CA LEU B 15 -14.30 -2.98 22.73
C LEU B 15 -14.91 -2.01 21.76
N ALA B 16 -15.78 -2.51 20.91
CA ALA B 16 -16.32 -1.72 19.83
C ALA B 16 -17.30 -0.64 20.27
N LYS B 17 -18.01 -0.85 21.40
CA LYS B 17 -18.82 0.24 22.09
C LYS B 17 -17.96 1.44 22.45
N ARG B 18 -16.75 1.16 22.86
CA ARG B 18 -15.75 2.17 23.29
C ARG B 18 -14.76 2.70 22.22
N ILE B 19 -14.44 1.92 21.19
CA ILE B 19 -13.38 2.35 20.21
C ILE B 19 -14.00 2.28 18.82
N PRO B 20 -13.94 3.34 18.02
CA PRO B 20 -14.51 3.24 16.69
C PRO B 20 -13.72 2.27 15.77
N THR B 21 -14.45 1.44 15.05
CA THR B 21 -13.89 0.57 14.03
C THR B 21 -13.45 1.39 12.83
N PRO B 22 -12.50 0.86 12.09
CA PRO B 22 -11.73 -0.33 12.40
C PRO B 22 -10.58 -0.14 13.38
N PHE B 23 -10.24 -1.19 14.11
CA PHE B 23 -9.07 -1.14 14.98
C PHE B 23 -8.48 -2.48 15.14
N LEU B 24 -7.15 -2.55 15.37
CA LEU B 24 -6.44 -3.78 15.68
C LEU B 24 -6.27 -3.85 17.19
N VAL B 25 -6.23 -5.07 17.69
CA VAL B 25 -5.94 -5.32 19.08
C VAL B 25 -4.79 -6.30 19.20
N ALA B 26 -3.70 -5.84 19.80
CA ALA B 26 -2.53 -6.62 20.05
C ALA B 26 -2.44 -7.15 21.45
N SER B 27 -2.10 -8.42 21.60
CA SER B 27 -1.74 -8.99 22.93
C SER B 27 -0.25 -9.08 23.21
N LEU B 28 0.23 -8.25 24.11
CA LEU B 28 1.61 -8.32 24.51
C LEU B 28 1.93 -9.69 25.12
N ASP B 29 0.96 -10.25 25.86
CA ASP B 29 1.24 -11.51 26.52
C ASP B 29 1.50 -12.59 25.49
N LYS B 30 0.78 -12.52 24.37
CA LYS B 30 0.97 -13.48 23.23
C LYS B 30 2.28 -13.27 22.54
N VAL B 31 2.68 -12.04 22.31
CA VAL B 31 4.05 -11.80 21.81
C VAL B 31 5.10 -12.41 22.70
N GLU B 32 5.00 -12.14 24.00
CA GLU B 32 5.95 -12.69 24.93
C GLU B 32 5.95 -14.25 24.88
N GLU B 33 4.77 -14.87 24.80
CA GLU B 33 4.66 -16.30 24.77
C GLU B 33 5.36 -16.82 23.47
N ASN B 34 5.17 -16.09 22.38
CA ASN B 34 5.86 -16.45 21.10
C ASN B 34 7.34 -16.32 21.22
N TYR B 35 7.87 -15.30 21.93
CA TYR B 35 9.28 -15.11 22.04
C TYR B 35 9.85 -16.27 22.91
N GLN B 36 9.13 -16.61 23.97
CA GLN B 36 9.62 -17.62 24.93
C GLN B 36 9.62 -19.02 24.29
N PHE B 37 8.62 -19.27 23.47
CA PHE B 37 8.51 -20.51 22.73
C PHE B 37 9.71 -20.68 21.82
N MET B 38 10.11 -19.61 21.15
CA MET B 38 11.31 -19.66 20.33
C MET B 38 12.59 -19.90 21.14
N ARG B 39 12.68 -19.26 22.29
CA ARG B 39 13.82 -19.42 23.16
C ARG B 39 13.88 -20.87 23.65
N ARG B 40 12.73 -21.44 23.93
CA ARG B 40 12.63 -22.82 24.36
C ARG B 40 13.01 -23.86 23.30
N HIS B 41 12.48 -23.69 22.09
CA HIS B 41 12.66 -24.70 21.07
C HIS B 41 13.82 -24.44 20.11
N LEU B 42 14.25 -23.19 20.05
CA LEU B 42 15.40 -22.84 19.28
C LEU B 42 16.38 -22.07 20.13
N PRO B 43 16.86 -22.74 21.23
CA PRO B 43 17.74 -21.96 22.13
C PRO B 43 19.07 -21.51 21.56
N ARG B 44 19.63 -22.16 20.54
CA ARG B 44 20.94 -21.76 20.00
C ARG B 44 20.92 -20.51 19.12
N ALA B 45 19.73 -20.08 18.71
CA ALA B 45 19.66 -18.86 17.85
C ALA B 45 19.10 -17.64 18.59
N GLY B 46 19.99 -16.73 18.92
CA GLY B 46 19.63 -15.45 19.56
C GLY B 46 18.74 -14.65 18.54
N VAL B 47 17.72 -14.00 19.05
CA VAL B 47 16.68 -13.32 18.23
C VAL B 47 16.99 -11.88 17.91
N PHE B 48 17.07 -11.57 16.61
CA PHE B 48 16.99 -10.21 16.09
C PHE B 48 15.58 -10.08 15.49
N TYR B 49 14.64 -9.48 16.19
CA TYR B 49 13.27 -9.33 15.74
C TYR B 49 13.21 -8.47 14.46
N ALA B 50 12.66 -9.05 13.40
CA ALA B 50 12.51 -8.31 12.11
C ALA B 50 11.23 -7.44 12.22
N MET B 51 11.44 -6.22 12.73
CA MET B 51 10.37 -5.32 13.05
C MET B 51 9.59 -4.80 11.84
N LYS B 52 10.08 -5.10 10.65
CA LYS B 52 9.36 -4.81 9.40
C LYS B 52 7.98 -5.49 9.44
N ALA B 53 7.88 -6.64 10.08
CA ALA B 53 6.61 -7.33 10.23
C ALA B 53 5.53 -6.60 11.03
N ASN B 54 5.95 -6.02 12.14
CA ASN B 54 5.09 -5.26 13.01
C ASN B 54 5.90 -4.39 13.96
N PRO B 55 5.87 -3.09 13.76
CA PRO B 55 6.71 -2.21 14.57
C PRO B 55 5.97 -1.50 15.70
N THR B 56 4.82 -2.01 16.13
CA THR B 56 4.05 -1.33 17.16
C THR B 56 4.95 -1.02 18.36
N PRO B 57 4.98 0.23 18.83
CA PRO B 57 5.99 0.59 19.83
C PRO B 57 5.92 -0.27 21.15
N GLU B 58 4.74 -0.57 21.64
CA GLU B 58 4.66 -1.35 22.89
C GLU B 58 5.21 -2.77 22.71
N ILE B 59 5.11 -3.27 21.47
CA ILE B 59 5.66 -4.56 21.17
C ILE B 59 7.17 -4.49 21.17
N LEU B 60 7.74 -3.47 20.55
CA LEU B 60 9.14 -3.34 20.49
C LEU B 60 9.74 -3.19 21.91
N SER B 61 9.07 -2.38 22.71
CA SER B 61 9.54 -2.12 24.07
C SER B 61 9.47 -3.42 24.89
N LEU B 62 8.40 -4.17 24.75
CA LEU B 62 8.31 -5.52 25.36
C LEU B 62 9.47 -6.39 24.98
N LEU B 63 9.73 -6.52 23.67
CA LEU B 63 10.83 -7.31 23.16
C LEU B 63 12.16 -6.84 23.61
N ALA B 64 12.36 -5.54 23.69
CA ALA B 64 13.61 -5.05 24.15
C ALA B 64 13.75 -5.43 25.65
N GLY B 65 12.67 -5.37 26.39
CA GLY B 65 12.72 -5.68 27.82
C GLY B 65 13.02 -7.18 28.04
N LEU B 66 12.65 -8.04 27.08
CA LEU B 66 12.92 -9.45 27.11
C LEU B 66 14.33 -9.83 26.69
N GLY B 67 15.12 -8.88 26.20
CA GLY B 67 16.44 -9.12 25.76
C GLY B 67 16.60 -9.37 24.22
N SER B 68 15.55 -9.09 23.47
CA SER B 68 15.60 -9.24 21.97
C SER B 68 16.52 -8.25 21.37
N HIS B 69 17.22 -8.66 20.32
CA HIS B 69 17.81 -7.73 19.42
C HIS B 69 16.78 -7.39 18.28
N PHE B 70 17.24 -6.56 17.33
CA PHE B 70 16.37 -6.03 16.23
C PHE B 70 17.08 -6.01 14.90
N ASP B 71 16.35 -6.47 13.89
CA ASP B 71 16.79 -6.38 12.51
C ASP B 71 16.06 -5.16 11.96
N VAL B 72 16.86 -4.21 11.52
CA VAL B 72 16.35 -2.96 10.96
C VAL B 72 16.62 -2.90 9.42
N ALA B 73 15.62 -2.35 8.71
CA ALA B 73 15.62 -2.31 7.21
C ALA B 73 15.82 -0.91 6.68
N SER B 74 15.83 0.12 7.55
CA SER B 74 15.97 1.49 7.11
C SER B 74 16.30 2.45 8.27
N ALA B 75 16.63 3.67 7.93
CA ALA B 75 16.73 4.77 8.90
C ALA B 75 15.49 4.88 9.78
N GLY B 76 14.30 4.85 9.19
CA GLY B 76 13.07 5.00 9.88
C GLY B 76 12.91 4.00 11.03
N GLU B 77 13.23 2.75 10.74
CA GLU B 77 13.18 1.69 11.76
C GLU B 77 14.20 1.93 12.88
N MET B 78 15.40 2.34 12.53
CA MET B 78 16.42 2.71 13.52
C MET B 78 15.94 3.86 14.40
N GLU B 79 15.27 4.83 13.75
CA GLU B 79 14.74 5.98 14.51
C GLU B 79 13.67 5.58 15.50
N ILE B 80 12.76 4.69 15.09
CA ILE B 80 11.71 4.25 15.95
C ILE B 80 12.35 3.58 17.22
N LEU B 81 13.37 2.74 16.96
CA LEU B 81 14.00 2.03 18.11
C LEU B 81 14.76 3.04 18.98
N HIS B 82 15.46 3.95 18.34
CA HIS B 82 16.21 4.97 19.07
C HIS B 82 15.35 5.74 20.08
N GLU B 83 14.15 6.15 19.66
CA GLU B 83 13.21 6.88 20.47
C GLU B 83 12.70 6.08 21.59
N LEU B 84 12.69 4.76 21.44
CA LEU B 84 12.33 3.88 22.53
C LEU B 84 13.49 3.48 23.45
N GLY B 85 14.64 4.10 23.25
CA GLY B 85 15.82 3.91 24.07
C GLY B 85 16.63 2.67 23.76
N VAL B 86 16.41 2.09 22.57
CA VAL B 86 17.26 0.99 22.14
C VAL B 86 18.55 1.47 21.59
N ASP B 87 19.66 0.89 22.11
CA ASP B 87 20.97 1.17 21.66
C ASP B 87 21.29 0.49 20.35
N GLY B 88 22.06 1.17 19.54
CA GLY B 88 22.53 0.67 18.19
C GLY B 88 23.32 -0.66 18.28
N SER B 89 24.00 -0.91 19.41
CA SER B 89 24.56 -2.26 19.65
C SER B 89 23.58 -3.41 19.52
N GLN B 90 22.27 -3.14 19.67
CA GLN B 90 21.21 -4.10 19.65
C GLN B 90 20.60 -4.38 18.25
N MET B 91 21.16 -3.76 17.22
CA MET B 91 20.59 -3.77 15.88
C MET B 91 21.51 -4.37 14.86
N ILE B 92 20.90 -5.03 13.89
CA ILE B 92 21.59 -5.39 12.68
C ILE B 92 20.90 -4.62 11.53
N TYR B 93 21.65 -3.90 10.73
CA TYR B 93 21.09 -3.23 9.57
C TYR B 93 21.19 -4.28 8.46
N ALA B 94 20.16 -5.08 8.32
CA ALA B 94 20.18 -6.23 7.44
C ALA B 94 19.43 -6.07 6.12
N ASN B 95 19.31 -4.83 5.70
CA ASN B 95 18.95 -4.58 4.32
C ASN B 95 20.21 -4.67 3.52
N PRO B 96 20.30 -5.63 2.54
CA PRO B 96 21.57 -5.76 1.84
C PRO B 96 21.95 -4.58 1.00
N VAL B 97 20.99 -3.77 0.60
CA VAL B 97 21.26 -2.62 -0.22
C VAL B 97 20.80 -1.35 0.50
N LYS B 98 21.75 -0.62 1.09
CA LYS B 98 21.45 0.46 1.98
C LYS B 98 21.38 1.79 1.28
N ASP B 99 20.65 2.74 1.86
CA ASP B 99 20.63 4.10 1.31
C ASP B 99 21.38 5.10 2.18
N ALA B 100 21.48 6.33 1.69
CA ALA B 100 22.28 7.32 2.36
C ALA B 100 21.75 7.61 3.75
N ARG B 101 20.45 7.77 3.88
CA ARG B 101 19.86 8.04 5.17
C ARG B 101 20.04 6.88 6.14
N GLY B 102 19.84 5.68 5.65
CA GLY B 102 20.05 4.51 6.55
C GLY B 102 21.52 4.43 7.04
N LEU B 103 22.48 4.67 6.16
CA LEU B 103 23.89 4.57 6.55
C LEU B 103 24.23 5.72 7.50
N LYS B 104 23.60 6.88 7.31
CA LYS B 104 23.83 7.98 8.22
C LYS B 104 23.24 7.69 9.59
N ALA B 105 22.06 7.11 9.61
CA ALA B 105 21.49 6.74 10.87
C ALA B 105 22.28 5.65 11.62
N ALA B 106 22.79 4.69 10.87
CA ALA B 106 23.63 3.66 11.44
C ALA B 106 24.89 4.30 12.07
N ALA B 107 25.50 5.22 11.37
CA ALA B 107 26.67 5.96 11.89
C ALA B 107 26.37 6.76 13.18
N ASP B 108 25.25 7.47 13.19
CA ASP B 108 24.81 8.32 14.26
C ASP B 108 24.47 7.51 15.44
N TYR B 109 23.91 6.33 15.23
CA TYR B 109 23.46 5.53 16.31
C TYR B 109 24.42 4.41 16.71
N ASN B 110 25.59 4.34 16.10
CA ASN B 110 26.51 3.27 16.38
C ASN B 110 25.96 1.87 16.11
N VAL B 111 25.24 1.73 15.02
CA VAL B 111 24.89 0.42 14.52
C VAL B 111 26.10 -0.06 13.73
N ARG B 112 26.67 -1.18 14.11
CA ARG B 112 27.87 -1.65 13.42
C ARG B 112 27.86 -3.11 12.94
N ARG B 113 26.67 -3.65 12.73
CA ARG B 113 26.50 -4.98 12.18
C ARG B 113 25.62 -4.80 10.95
N PHE B 114 26.13 -5.26 9.81
CA PHE B 114 25.51 -5.13 8.50
C PHE B 114 25.47 -6.48 7.78
N THR B 115 24.49 -6.66 6.91
CA THR B 115 24.60 -7.69 5.84
C THR B 115 24.90 -7.05 4.50
N PHE B 116 25.38 -7.86 3.58
CA PHE B 116 25.57 -7.45 2.21
C PHE B 116 25.56 -8.65 1.28
N ASP B 117 25.26 -8.41 0.01
CA ASP B 117 25.28 -9.48 -0.98
C ASP B 117 25.93 -9.10 -2.32
N ASP B 118 26.57 -7.95 -2.38
CA ASP B 118 27.16 -7.49 -3.63
C ASP B 118 28.43 -6.71 -3.42
N PRO B 119 29.36 -6.77 -4.36
CA PRO B 119 30.55 -5.96 -4.15
C PRO B 119 30.30 -4.44 -4.15
N SER B 120 29.20 -4.01 -4.81
CA SER B 120 28.90 -2.56 -4.83
C SER B 120 28.45 -2.05 -3.48
N GLU B 121 28.18 -2.93 -2.53
CA GLU B 121 27.81 -2.43 -1.22
C GLU B 121 28.99 -2.10 -0.25
N ILE B 122 30.17 -2.58 -0.61
CA ILE B 122 31.31 -2.59 0.33
C ILE B 122 31.77 -1.18 0.65
N ASP B 123 32.05 -0.42 -0.37
CA ASP B 123 32.52 0.98 -0.13
C ASP B 123 31.56 1.81 0.60
N LYS B 124 30.23 1.67 0.37
CA LYS B 124 29.25 2.42 1.12
C LYS B 124 29.34 2.14 2.59
N MET B 125 29.40 0.86 2.93
CA MET B 125 29.49 0.46 4.33
C MET B 125 30.81 0.97 4.98
N ALA B 126 31.92 0.76 4.30
CA ALA B 126 33.26 1.08 4.87
C ALA B 126 33.40 2.61 5.08
N LYS B 127 32.86 3.42 4.14
CA LYS B 127 32.80 4.87 4.38
C LYS B 127 31.94 5.27 5.54
N ALA B 128 30.76 4.67 5.71
CA ALA B 128 29.86 5.12 6.70
C ALA B 128 30.25 4.71 8.08
N VAL B 129 30.73 3.46 8.24
CA VAL B 129 31.02 2.93 9.53
C VAL B 129 32.27 2.11 9.41
N PRO B 130 33.41 2.81 9.34
CA PRO B 130 34.67 2.10 9.21
C PRO B 130 34.84 0.99 10.26
N GLY B 131 35.28 -0.16 9.83
CA GLY B 131 35.45 -1.30 10.75
C GLY B 131 34.21 -2.09 11.13
N ALA B 132 33.05 -1.79 10.52
CA ALA B 132 31.80 -2.48 10.93
C ALA B 132 31.95 -3.98 10.69
N ASP B 133 31.22 -4.72 11.49
CA ASP B 133 31.05 -6.13 11.31
C ASP B 133 30.10 -6.43 10.16
N VAL B 134 30.48 -7.29 9.28
CA VAL B 134 29.61 -7.66 8.15
C VAL B 134 29.43 -9.17 8.06
N LEU B 135 28.19 -9.54 7.75
CA LEU B 135 27.85 -10.89 7.28
C LEU B 135 27.49 -10.89 5.85
N VAL B 136 28.07 -11.76 5.08
CA VAL B 136 27.74 -11.89 3.65
C VAL B 136 26.49 -12.79 3.55
N ARG B 137 25.51 -12.33 2.83
CA ARG B 137 24.30 -13.08 2.62
C ARG B 137 24.42 -13.94 1.37
N ILE B 138 24.21 -15.25 1.49
CA ILE B 138 24.23 -16.18 0.38
C ILE B 138 22.82 -16.55 -0.04
N ALA B 139 22.67 -16.74 -1.33
CA ALA B 139 21.41 -17.22 -1.94
C ALA B 139 21.27 -18.73 -1.68
N VAL B 140 20.10 -19.13 -1.22
CA VAL B 140 19.78 -20.50 -0.95
C VAL B 140 18.44 -20.88 -1.58
N ARG B 141 18.22 -22.19 -1.77
CA ARG B 141 16.99 -22.74 -2.35
C ARG B 141 15.89 -23.02 -1.35
N ASN B 142 14.66 -22.77 -1.76
CA ASN B 142 13.51 -23.22 -1.02
C ASN B 142 12.34 -23.35 -1.96
N ASN B 143 11.79 -24.54 -2.12
CA ASN B 143 10.62 -24.71 -2.99
C ASN B 143 9.29 -24.67 -2.26
N LYS B 144 9.33 -24.34 -0.98
CA LYS B 144 8.14 -24.15 -0.16
C LYS B 144 8.11 -22.80 0.55
N ALA B 145 8.56 -21.76 -0.12
CA ALA B 145 8.45 -20.41 0.42
C ALA B 145 7.38 -19.62 -0.31
N LEU B 146 6.54 -18.96 0.46
CA LEU B 146 5.55 -18.02 -0.10
C LEU B 146 6.19 -16.82 -0.82
N VAL B 147 7.19 -16.27 -0.16
CA VAL B 147 7.92 -15.14 -0.66
C VAL B 147 9.37 -15.54 -0.93
N ASP B 148 9.80 -15.33 -2.18
CA ASP B 148 11.14 -15.66 -2.62
C ASP B 148 12.10 -14.57 -2.16
N LEU B 149 13.03 -14.96 -1.31
CA LEU B 149 14.01 -14.03 -0.79
C LEU B 149 15.41 -14.32 -1.31
N ASN B 150 15.50 -15.05 -2.42
CA ASN B 150 16.78 -15.46 -2.94
C ASN B 150 17.08 -15.13 -4.40
N THR B 151 16.20 -14.34 -5.03
CA THR B 151 16.48 -13.84 -6.36
C THR B 151 16.95 -12.39 -6.34
N LYS B 152 16.18 -11.55 -5.67
CA LYS B 152 16.60 -10.16 -5.43
C LYS B 152 17.74 -10.01 -4.47
N PHE B 153 17.97 -11.02 -3.64
CA PHE B 153 18.88 -10.95 -2.55
C PHE B 153 19.77 -12.21 -2.55
N GLY B 154 20.98 -12.07 -2.01
CA GLY B 154 21.84 -13.21 -1.86
C GLY B 154 22.90 -13.35 -2.91
N ALA B 155 24.17 -13.51 -2.50
CA ALA B 155 25.23 -13.71 -3.46
C ALA B 155 25.35 -15.20 -3.81
N PRO B 156 25.82 -15.49 -5.00
CA PRO B 156 26.19 -16.92 -5.26
C PRO B 156 27.20 -17.46 -4.24
N VAL B 157 27.01 -18.69 -3.78
CA VAL B 157 27.90 -19.26 -2.76
C VAL B 157 29.35 -19.19 -3.15
N GLU B 158 29.65 -19.37 -4.45
CA GLU B 158 31.02 -19.34 -4.93
C GLU B 158 31.65 -17.93 -4.89
N GLU B 159 30.83 -16.95 -4.59
CA GLU B 159 31.31 -15.60 -4.46
C GLU B 159 31.45 -15.17 -3.00
N ALA B 160 30.93 -15.98 -2.08
CA ALA B 160 30.80 -15.48 -0.71
C ALA B 160 32.12 -15.10 -0.04
N LEU B 161 33.08 -16.02 -0.07
CA LEU B 161 34.30 -15.77 0.64
C LEU B 161 35.11 -14.67 -0.04
N ASP B 162 35.06 -14.62 -1.35
CA ASP B 162 35.63 -13.45 -2.09
C ASP B 162 35.05 -12.13 -1.59
N LEU B 163 33.73 -12.09 -1.37
CA LEU B 163 33.10 -10.91 -0.88
C LEU B 163 33.58 -10.51 0.53
N LEU B 164 33.72 -11.49 1.43
CA LEU B 164 34.26 -11.25 2.77
C LEU B 164 35.70 -10.72 2.74
N LYS B 165 36.47 -11.24 1.80
CA LYS B 165 37.88 -10.82 1.68
C LYS B 165 37.94 -9.38 1.13
N ALA B 166 37.06 -9.04 0.18
CA ALA B 166 37.03 -7.68 -0.29
C ALA B 166 36.56 -6.71 0.74
N ALA B 167 35.69 -7.16 1.63
CA ALA B 167 35.19 -6.36 2.70
C ALA B 167 36.36 -6.09 3.66
N GLN B 168 37.14 -7.13 3.91
CA GLN B 168 38.32 -7.03 4.76
C GLN B 168 39.31 -6.02 4.21
N ASP B 169 39.49 -6.03 2.90
CA ASP B 169 40.40 -5.13 2.22
C ASP B 169 39.99 -3.67 2.39
N ALA B 170 38.69 -3.45 2.54
CA ALA B 170 38.15 -2.11 2.71
C ALA B 170 38.12 -1.73 4.18
N GLY B 171 38.70 -2.58 5.01
CA GLY B 171 38.77 -2.33 6.43
C GLY B 171 37.60 -2.75 7.30
N LEU B 172 36.61 -3.42 6.72
CA LEU B 172 35.48 -3.94 7.49
C LEU B 172 35.90 -5.27 8.14
N HIS B 173 35.15 -5.69 9.14
CA HIS B 173 35.48 -6.93 9.83
C HIS B 173 34.61 -8.05 9.30
N ALA B 174 35.22 -9.05 8.70
CA ALA B 174 34.48 -10.20 8.16
C ALA B 174 34.03 -11.14 9.26
N MET B 175 32.77 -11.08 9.60
CA MET B 175 32.28 -11.72 10.79
C MET B 175 31.60 -13.05 10.52
N GLY B 176 30.99 -13.19 9.36
CA GLY B 176 30.34 -14.49 9.05
C GLY B 176 29.36 -14.41 7.90
N ILE B 177 28.35 -15.25 7.96
CA ILE B 177 27.52 -15.58 6.80
C ILE B 177 26.08 -15.50 7.26
N CYS B 178 25.19 -15.04 6.38
CA CYS B 178 23.76 -15.12 6.70
C CYS B 178 22.96 -15.63 5.48
N PHE B 179 21.73 -16.04 5.74
CA PHE B 179 20.82 -16.47 4.72
C PHE B 179 19.42 -16.25 5.17
N HIS B 180 18.48 -16.20 4.24
CA HIS B 180 17.04 -16.24 4.58
C HIS B 180 16.42 -17.21 3.54
N VAL B 181 15.71 -18.23 4.02
CA VAL B 181 15.17 -19.25 3.14
C VAL B 181 13.94 -18.78 2.40
N GLY B 182 13.36 -17.62 2.82
CA GLY B 182 12.06 -17.19 2.30
C GLY B 182 11.05 -17.00 3.36
N SER B 183 10.07 -16.17 3.13
CA SER B 183 8.97 -15.96 4.10
C SER B 183 7.90 -16.99 3.95
N GLN B 184 7.25 -17.34 5.10
CA GLN B 184 6.30 -18.41 5.18
C GLN B 184 6.84 -19.70 4.55
N SER B 185 7.96 -20.18 5.13
CA SER B 185 8.58 -21.38 4.69
C SER B 185 7.80 -22.53 5.28
N LEU B 186 7.31 -23.38 4.43
CA LEU B 186 6.74 -24.64 4.91
C LEU B 186 7.75 -25.80 4.92
N SER B 187 8.99 -25.50 4.56
CA SER B 187 10.06 -26.51 4.55
C SER B 187 11.02 -26.29 5.73
N THR B 188 11.26 -27.34 6.52
CA THR B 188 12.38 -27.40 7.43
C THR B 188 13.69 -27.78 6.70
N ALA B 189 13.60 -28.68 5.70
CA ALA B 189 14.78 -29.07 4.90
C ALA B 189 15.53 -27.90 4.35
N ALA B 190 14.79 -26.83 3.93
CA ALA B 190 15.49 -25.66 3.34
C ALA B 190 16.50 -25.08 4.31
N TYR B 191 16.13 -25.04 5.59
CA TYR B 191 16.97 -24.57 6.66
C TYR B 191 18.20 -25.48 6.85
N GLU B 192 17.95 -26.81 6.90
CA GLU B 192 19.02 -27.80 7.14
C GLU B 192 20.01 -27.82 6.04
N GLU B 193 19.51 -27.73 4.80
CA GLU B 193 20.42 -27.66 3.64
C GLU B 193 21.21 -26.39 3.60
N ALA B 194 20.54 -25.27 3.93
CA ALA B 194 21.28 -23.97 4.04
C ALA B 194 22.41 -23.99 5.11
N LEU B 195 22.09 -24.53 6.29
CA LEU B 195 23.10 -24.76 7.36
C LEU B 195 24.31 -25.55 6.87
N LEU B 196 24.04 -26.59 6.04
CA LEU B 196 25.11 -27.37 5.45
C LEU B 196 25.98 -26.60 4.51
N VAL B 197 25.37 -25.77 3.67
CA VAL B 197 26.14 -24.93 2.78
C VAL B 197 26.96 -23.97 3.57
N ALA B 198 26.36 -23.36 4.58
CA ALA B 198 27.09 -22.41 5.40
C ALA B 198 28.27 -23.12 6.10
N ARG B 199 28.05 -24.33 6.58
CA ARG B 199 29.12 -25.07 7.24
C ARG B 199 30.26 -25.35 6.31
N ARG B 200 30.05 -25.71 5.06
N ARG B 200 30.04 -25.72 5.06
CA ARG B 200 31.13 -25.88 4.09
CA ARG B 200 31.12 -25.88 4.09
C ARG B 200 31.91 -24.59 3.89
C ARG B 200 31.91 -24.60 3.92
N LEU B 201 31.19 -23.47 3.85
CA LEU B 201 31.87 -22.17 3.70
C LEU B 201 32.68 -21.79 4.95
N PHE B 202 32.19 -22.09 6.11
CA PHE B 202 32.94 -21.80 7.34
C PHE B 202 34.24 -22.66 7.37
N ASP B 203 34.12 -23.92 6.89
CA ASP B 203 35.28 -24.86 6.77
C ASP B 203 36.30 -24.26 5.81
N GLU B 204 35.85 -23.82 4.66
CA GLU B 204 36.74 -23.24 3.67
C GLU B 204 37.38 -21.96 4.14
N ALA B 205 36.61 -21.15 4.85
CA ALA B 205 37.14 -19.87 5.34
C ALA B 205 38.22 -20.12 6.39
N GLU B 206 37.97 -21.09 7.27
CA GLU B 206 38.99 -21.56 8.26
C GLU B 206 40.32 -21.93 7.61
N GLU B 207 40.29 -22.77 6.58
CA GLU B 207 41.46 -23.16 5.80
C GLU B 207 42.20 -21.97 5.18
N MET B 208 41.49 -20.92 4.81
CA MET B 208 42.09 -19.65 4.34
C MET B 208 42.65 -18.76 5.42
N GLY B 209 42.46 -19.16 6.66
CA GLY B 209 42.82 -18.30 7.75
C GLY B 209 41.87 -17.16 7.98
N MET B 210 40.59 -17.31 7.61
CA MET B 210 39.60 -16.27 7.83
C MET B 210 38.66 -16.94 8.79
N HIS B 211 38.78 -16.62 10.07
CA HIS B 211 37.97 -17.30 11.01
C HIS B 211 36.66 -16.51 11.22
N LEU B 212 35.53 -17.13 10.93
CA LEU B 212 34.21 -16.48 10.98
C LEU B 212 33.60 -16.95 12.23
N THR B 213 32.94 -16.03 12.93
CA THR B 213 32.43 -16.25 14.28
C THR B 213 30.92 -16.32 14.43
N ASP B 214 30.19 -15.78 13.43
CA ASP B 214 28.75 -15.59 13.55
C ASP B 214 28.03 -16.13 12.29
N LEU B 215 26.86 -16.69 12.55
CA LEU B 215 25.97 -17.20 11.54
C LEU B 215 24.56 -16.69 11.84
N ASP B 216 23.92 -16.12 10.84
CA ASP B 216 22.50 -15.66 10.99
C ASP B 216 21.63 -16.43 9.99
N ILE B 217 20.63 -17.15 10.49
CA ILE B 217 19.86 -18.07 9.70
C ILE B 217 18.60 -17.44 9.18
N GLY B 218 18.43 -16.11 9.34
CA GLY B 218 17.17 -15.43 8.96
C GLY B 218 15.88 -15.84 9.61
N GLY B 219 14.76 -15.66 8.91
CA GLY B 219 13.42 -15.85 9.37
C GLY B 219 12.70 -16.89 8.64
N GLY B 220 11.41 -16.65 8.33
CA GLY B 220 10.64 -17.57 7.57
C GLY B 220 9.73 -18.51 8.30
N PHE B 221 9.75 -18.44 9.63
CA PHE B 221 8.87 -19.34 10.39
C PHE B 221 7.44 -18.96 10.08
N PRO B 222 6.58 -19.95 9.76
CA PRO B 222 5.26 -19.64 9.28
C PRO B 222 4.21 -19.39 10.33
N VAL B 223 3.12 -18.80 9.87
CA VAL B 223 1.97 -18.42 10.66
C VAL B 223 0.72 -19.00 10.00
N PRO B 224 -0.28 -19.36 10.78
CA PRO B 224 -1.51 -19.89 10.18
C PRO B 224 -2.28 -18.84 9.38
N ASP B 225 -2.93 -19.30 8.32
CA ASP B 225 -3.81 -18.48 7.52
C ASP B 225 -5.25 -18.99 7.63
N CYS B 226 -6.10 -18.63 6.68
CA CYS B 226 -7.49 -19.03 6.75
C CYS B 226 -7.69 -20.55 6.71
N LYS B 227 -6.73 -21.26 6.14
CA LYS B 227 -6.73 -22.74 6.19
C LYS B 227 -5.87 -23.36 7.35
N GLY B 228 -5.41 -22.57 8.28
CA GLY B 228 -4.61 -23.07 9.39
C GLY B 228 -3.16 -23.20 9.01
N LEU B 229 -2.51 -24.22 9.57
CA LEU B 229 -1.04 -24.38 9.38
C LEU B 229 -0.70 -25.84 9.64
N ASN B 230 -0.17 -26.53 8.65
CA ASN B 230 0.20 -27.97 8.80
C ASN B 230 1.58 -28.22 9.40
N VAL B 231 2.37 -27.19 9.56
CA VAL B 231 3.69 -27.27 10.13
C VAL B 231 3.55 -27.28 11.65
N ASP B 232 4.26 -28.21 12.27
CA ASP B 232 4.49 -28.28 13.70
C ASP B 232 5.71 -27.38 14.03
N LEU B 233 5.44 -26.20 14.62
CA LEU B 233 6.48 -25.16 14.85
C LEU B 233 7.52 -25.61 15.82
N ALA B 234 7.06 -26.30 16.87
CA ALA B 234 8.01 -26.93 17.82
C ALA B 234 8.98 -27.85 17.12
N ALA B 235 8.45 -28.73 16.28
CA ALA B 235 9.29 -29.68 15.59
C ALA B 235 10.24 -29.06 14.56
N MET B 236 9.74 -28.02 13.86
CA MET B 236 10.61 -27.27 12.92
C MET B 236 11.75 -26.64 13.69
N MET B 237 11.43 -25.95 14.77
CA MET B 237 12.46 -25.25 15.52
C MET B 237 13.49 -26.23 16.17
N GLU B 238 12.98 -27.35 16.71
CA GLU B 238 13.90 -28.34 17.27
C GLU B 238 14.84 -28.95 16.24
N ALA B 239 14.32 -29.15 15.03
CA ALA B 239 15.11 -29.75 13.95
C ALA B 239 16.22 -28.78 13.58
N ILE B 240 15.87 -27.49 13.44
CA ILE B 240 16.89 -26.50 13.13
C ILE B 240 17.95 -26.43 14.24
N ASN B 241 17.48 -26.40 15.48
CA ASN B 241 18.37 -26.24 16.63
C ASN B 241 19.35 -27.41 16.72
N LYS B 242 18.84 -28.61 16.47
CA LYS B 242 19.67 -29.84 16.47
C LYS B 242 20.77 -29.81 15.45
N GLN B 243 20.48 -29.23 14.27
CA GLN B 243 21.46 -29.10 13.22
C GLN B 243 22.46 -28.02 13.60
N ILE B 244 21.97 -26.96 14.25
CA ILE B 244 22.92 -25.91 14.73
C ILE B 244 23.93 -26.52 15.76
N ASP B 245 23.40 -27.27 16.72
CA ASP B 245 24.25 -28.01 17.69
C ASP B 245 25.25 -28.95 16.99
N ARG B 246 24.81 -29.72 16.00
CA ARG B 246 25.70 -30.59 15.23
C ARG B 246 26.77 -29.92 14.39
N LEU B 247 26.41 -28.87 13.65
CA LEU B 247 27.33 -28.27 12.71
C LEU B 247 27.99 -27.01 13.22
N PHE B 248 27.39 -26.32 14.16
CA PHE B 248 27.93 -24.99 14.63
C PHE B 248 28.04 -24.93 16.14
N PRO B 249 28.79 -25.91 16.73
CA PRO B 249 28.90 -25.91 18.14
C PRO B 249 29.72 -24.72 18.66
N ASP B 250 30.65 -24.20 17.90
CA ASP B 250 31.56 -23.14 18.40
C ASP B 250 31.33 -21.80 17.64
N THR B 251 30.09 -21.54 17.24
CA THR B 251 29.75 -20.34 16.42
C THR B 251 28.58 -19.68 17.05
N ALA B 252 28.54 -18.35 17.07
CA ALA B 252 27.42 -17.67 17.62
C ALA B 252 26.36 -17.62 16.56
N VAL B 253 25.19 -18.15 16.85
CA VAL B 253 24.10 -18.26 15.85
C VAL B 253 22.92 -17.43 16.22
N TRP B 254 22.30 -16.86 15.20
CA TRP B 254 21.22 -15.90 15.34
C TRP B 254 20.09 -16.12 14.34
N THR B 255 18.91 -15.64 14.65
CA THR B 255 17.77 -15.78 13.77
C THR B 255 17.06 -14.41 13.65
N GLU B 256 16.34 -14.17 12.55
CA GLU B 256 15.68 -12.89 12.36
C GLU B 256 14.16 -13.12 12.06
N PRO B 257 13.38 -13.68 13.01
CA PRO B 257 11.97 -13.89 12.76
C PRO B 257 11.26 -12.56 12.68
N GLY B 258 10.35 -12.49 11.73
CA GLY B 258 9.40 -11.40 11.67
C GLY B 258 7.98 -11.86 11.87
N ARG B 259 7.44 -12.49 10.82
CA ARG B 259 6.07 -12.89 10.78
C ARG B 259 5.59 -13.60 12.07
N TYR B 260 6.41 -14.52 12.52
CA TYR B 260 6.03 -15.47 13.63
C TYR B 260 5.78 -14.71 14.95
N MET B 261 6.57 -13.68 15.18
CA MET B 261 6.59 -13.05 16.51
C MET B 261 5.25 -12.48 16.88
N CYS B 262 4.58 -11.75 15.95
CA CYS B 262 3.31 -11.12 16.26
C CYS B 262 2.12 -11.61 15.49
N GLY B 263 2.32 -12.50 14.51
CA GLY B 263 1.23 -12.79 13.56
C GLY B 263 -0.02 -13.29 14.28
N THR B 264 0.23 -14.19 15.24
CA THR B 264 -0.81 -14.82 16.07
C THR B 264 -1.21 -14.00 17.30
N ALA B 265 -0.75 -12.74 17.41
CA ALA B 265 -0.97 -11.90 18.60
C ALA B 265 -1.90 -10.69 18.37
N VAL B 266 -2.43 -10.57 17.14
CA VAL B 266 -3.25 -9.46 16.74
C VAL B 266 -4.50 -9.88 16.05
N ASN B 267 -5.58 -9.18 16.38
CA ASN B 267 -6.85 -9.33 15.71
C ASN B 267 -7.26 -7.95 15.20
N LEU B 268 -8.04 -7.98 14.14
CA LEU B 268 -8.79 -6.80 13.58
C LEU B 268 -10.28 -6.88 13.87
N VAL B 269 -10.82 -5.78 14.39
CA VAL B 269 -12.25 -5.59 14.50
C VAL B 269 -12.77 -4.54 13.51
N THR B 270 -13.77 -4.91 12.72
CA THR B 270 -14.26 -4.08 11.66
C THR B 270 -15.80 -4.24 11.59
N SER B 271 -16.45 -3.15 11.24
CA SER B 271 -17.96 -3.08 11.17
C SER B 271 -18.46 -3.21 9.78
N VAL B 272 -19.62 -3.87 9.64
CA VAL B 272 -20.36 -3.82 8.42
C VAL B 272 -20.94 -2.39 8.32
N ILE B 273 -20.58 -1.63 7.26
CA ILE B 273 -21.15 -0.33 7.00
C ILE B 273 -22.17 -0.30 5.89
N GLY B 274 -22.33 -1.38 5.14
CA GLY B 274 -23.31 -1.36 4.11
C GLY B 274 -23.61 -2.79 3.68
N THR B 275 -24.83 -3.02 3.22
CA THR B 275 -25.21 -4.29 2.65
C THR B 275 -25.66 -4.09 1.23
N LYS B 276 -25.61 -5.17 0.46
CA LYS B 276 -26.24 -5.25 -0.85
C LYS B 276 -26.95 -6.63 -0.95
N THR B 277 -28.26 -6.63 -0.80
CA THR B 277 -29.02 -7.87 -0.73
C THR B 277 -29.67 -8.30 -1.99
N ARG B 278 -29.58 -7.48 -3.02
CA ARG B 278 -30.31 -7.75 -4.26
C ARG B 278 -29.90 -9.07 -4.95
N GLY B 279 -28.64 -9.43 -4.82
CA GLY B 279 -28.15 -10.61 -5.49
C GLY B 279 -28.62 -11.92 -4.90
N GLU B 280 -28.40 -12.99 -5.63
CA GLU B 280 -28.44 -14.32 -5.06
C GLU B 280 -27.37 -14.33 -3.96
N GLN B 281 -26.26 -13.64 -4.21
CA GLN B 281 -25.20 -13.55 -3.23
C GLN B 281 -25.15 -12.15 -2.53
N PRO B 282 -25.38 -12.09 -1.22
CA PRO B 282 -25.33 -10.78 -0.54
C PRO B 282 -23.91 -10.26 -0.47
N TRP B 283 -23.78 -8.94 -0.52
CA TRP B 283 -22.48 -8.32 -0.28
C TRP B 283 -22.54 -7.61 1.07
N TYR B 284 -21.42 -7.61 1.79
CA TYR B 284 -21.22 -6.76 2.97
C TYR B 284 -20.00 -5.85 2.74
N ILE B 285 -20.14 -4.57 2.97
CA ILE B 285 -19.04 -3.62 2.93
C ILE B 285 -18.56 -3.33 4.34
N LEU B 286 -17.26 -3.47 4.52
CA LEU B 286 -16.57 -3.36 5.79
C LEU B 286 -15.84 -2.04 5.85
N ASP B 287 -15.53 -1.57 7.06
CA ASP B 287 -14.85 -0.29 7.20
C ASP B 287 -13.32 -0.40 7.19
N GLU B 288 -12.83 -1.60 6.92
CA GLU B 288 -11.42 -1.84 6.58
C GLU B 288 -11.32 -2.69 5.31
N GLY B 289 -10.32 -2.42 4.48
CA GLY B 289 -10.22 -3.11 3.22
C GLY B 289 -8.82 -3.29 2.73
N ILE B 290 -8.72 -3.48 1.41
CA ILE B 290 -7.50 -3.92 0.80
C ILE B 290 -6.41 -2.85 0.79
N TYR B 291 -6.83 -1.62 0.97
CA TYR B 291 -5.86 -0.47 1.11
C TYR B 291 -5.41 -0.19 2.57
N GLY B 292 -5.90 -1.02 3.49
CA GLY B 292 -5.51 -0.99 4.89
C GLY B 292 -4.94 -2.31 5.29
N CYS B 293 -5.41 -2.91 6.39
CA CYS B 293 -4.79 -4.09 6.95
C CYS B 293 -4.94 -5.33 6.03
N PHE B 294 -5.88 -5.31 5.11
CA PHE B 294 -6.06 -6.45 4.11
C PHE B 294 -5.13 -6.26 2.93
N SER B 295 -4.24 -5.27 2.99
CA SER B 295 -3.23 -5.14 1.97
C SER B 295 -2.34 -6.36 1.78
N GLY B 296 -2.23 -7.19 2.81
CA GLY B 296 -1.56 -8.46 2.67
C GLY B 296 -2.16 -9.43 1.66
N ILE B 297 -3.43 -9.26 1.28
CA ILE B 297 -4.00 -10.00 0.23
C ILE B 297 -3.18 -9.75 -1.04
N MET B 298 -2.84 -8.49 -1.26
CA MET B 298 -2.10 -8.08 -2.42
C MET B 298 -0.59 -8.28 -2.39
N TYR B 299 0.05 -7.81 -1.33
CA TYR B 299 1.50 -7.86 -1.24
C TYR B 299 2.08 -9.18 -0.65
N ASP B 300 1.25 -9.88 0.10
CA ASP B 300 1.76 -11.01 0.85
C ASP B 300 1.03 -12.31 0.42
N HIS B 301 0.17 -12.24 -0.62
CA HIS B 301 -0.51 -13.42 -1.17
C HIS B 301 -1.38 -14.11 -0.14
N TRP B 302 -1.95 -13.36 0.79
CA TRP B 302 -2.50 -13.97 2.01
C TRP B 302 -4.00 -14.04 2.02
N CYS B 303 -4.50 -15.00 2.80
CA CYS B 303 -5.91 -15.14 3.11
C CYS B 303 -6.04 -15.17 4.62
N TYR B 304 -6.78 -14.22 5.18
CA TYR B 304 -6.97 -14.08 6.64
C TYR B 304 -8.23 -14.77 7.18
N PRO B 305 -8.15 -15.34 8.37
CA PRO B 305 -9.33 -15.98 8.93
C PRO B 305 -10.38 -15.04 9.36
N LEU B 306 -11.56 -15.04 8.75
CA LEU B 306 -12.61 -14.08 9.07
C LEU B 306 -13.64 -14.81 9.94
N HIS B 307 -14.11 -14.16 10.99
CA HIS B 307 -15.16 -14.69 11.81
C HIS B 307 -16.34 -13.73 11.87
N CYS B 308 -17.50 -14.22 11.46
CA CYS B 308 -18.72 -13.47 11.55
C CYS B 308 -19.48 -14.06 12.73
N PHE B 309 -20.42 -13.33 13.26
CA PHE B 309 -21.02 -13.80 14.50
C PHE B 309 -22.52 -13.85 14.34
N GLY B 310 -23.17 -14.54 15.25
CA GLY B 310 -24.60 -14.63 15.20
C GLY B 310 -25.00 -15.79 14.35
N LYS B 311 -26.25 -15.78 13.96
CA LYS B 311 -27.03 -16.97 13.92
C LYS B 311 -27.77 -17.20 12.65
N GLY B 312 -28.25 -18.42 12.54
CA GLY B 312 -29.12 -18.79 11.47
C GLY B 312 -28.39 -19.32 10.29
N ASN B 313 -29.12 -19.52 9.21
CA ASN B 313 -28.56 -20.15 8.03
C ASN B 313 -27.46 -19.20 7.48
N LYS B 314 -26.44 -19.81 6.90
CA LYS B 314 -25.35 -19.09 6.21
C LYS B 314 -25.59 -19.27 4.72
N LYS B 315 -25.14 -18.31 3.91
CA LYS B 315 -25.12 -18.49 2.47
C LYS B 315 -23.83 -17.82 1.93
N PRO B 316 -23.39 -18.24 0.75
CA PRO B 316 -22.16 -17.69 0.19
C PRO B 316 -22.37 -16.16 -0.01
N SER B 317 -21.38 -15.41 0.46
CA SER B 317 -21.50 -13.97 0.54
C SER B 317 -20.18 -13.35 0.14
N THR B 318 -20.24 -12.12 -0.39
CA THR B 318 -19.04 -11.35 -0.75
C THR B 318 -18.79 -10.25 0.28
N PHE B 319 -17.50 -9.99 0.63
CA PHE B 319 -17.17 -8.89 1.54
C PHE B 319 -16.26 -7.97 0.78
N GLY B 320 -16.59 -6.68 0.78
CA GLY B 320 -15.75 -5.64 0.15
C GLY B 320 -15.30 -4.63 1.21
N GLY B 321 -14.24 -3.88 0.88
CA GLY B 321 -13.80 -2.77 1.71
C GLY B 321 -14.47 -1.49 1.38
N PRO B 322 -14.08 -0.42 2.12
CA PRO B 322 -14.77 0.84 2.11
C PRO B 322 -14.33 1.80 1.01
N SER B 323 -13.31 1.44 0.25
CA SER B 323 -12.84 2.30 -0.82
C SER B 323 -13.75 2.34 -2.08
N CYS B 324 -13.47 3.31 -2.94
CA CYS B 324 -14.21 3.51 -4.17
C CYS B 324 -13.63 2.70 -5.32
N ASP B 325 -12.75 1.78 -5.00
CA ASP B 325 -12.03 0.99 -5.97
C ASP B 325 -12.61 -0.42 -6.13
N GLY B 326 -12.77 -0.82 -7.37
CA GLY B 326 -13.30 -2.12 -7.71
C GLY B 326 -12.44 -3.25 -7.21
N ILE B 327 -11.15 -2.99 -7.01
CA ILE B 327 -10.22 -4.00 -6.50
C ILE B 327 -10.42 -4.36 -5.02
N ASP B 328 -11.18 -3.56 -4.31
CA ASP B 328 -11.35 -3.65 -2.88
C ASP B 328 -12.46 -4.68 -2.58
N VAL B 329 -12.16 -5.91 -2.95
CA VAL B 329 -13.03 -7.08 -2.67
C VAL B 329 -12.17 -8.07 -1.89
N LEU B 330 -12.66 -8.52 -0.75
CA LEU B 330 -11.82 -9.19 0.16
C LEU B 330 -12.08 -10.70 0.22
N TYR B 331 -13.34 -11.06 0.19
CA TYR B 331 -13.77 -12.49 0.19
C TYR B 331 -14.96 -12.62 -0.73
N ARG B 332 -14.98 -13.75 -1.48
CA ARG B 332 -16.06 -14.10 -2.36
C ARG B 332 -16.53 -15.55 -2.06
N ASP B 333 -17.83 -15.78 -2.19
CA ASP B 333 -18.44 -17.10 -1.90
C ASP B 333 -18.10 -17.60 -0.54
N PHE B 334 -18.08 -16.68 0.44
CA PHE B 334 -17.78 -16.94 1.81
C PHE B 334 -19.07 -17.23 2.58
N MET B 335 -19.14 -18.42 3.19
CA MET B 335 -20.32 -18.82 3.90
C MET B 335 -20.46 -17.95 5.15
N ALA B 336 -21.51 -17.14 5.18
CA ALA B 336 -21.76 -16.18 6.25
C ALA B 336 -23.25 -16.14 6.62
N PRO B 337 -23.54 -15.84 7.89
CA PRO B 337 -24.94 -15.67 8.31
C PRO B 337 -25.41 -14.33 7.81
N GLU B 338 -26.70 -14.04 7.96
CA GLU B 338 -27.23 -12.75 7.57
C GLU B 338 -26.67 -11.69 8.49
N LEU B 339 -25.99 -10.67 7.94
CA LEU B 339 -25.45 -9.62 8.72
C LEU B 339 -26.14 -8.34 8.34
N LYS B 340 -26.08 -7.40 9.26
CA LYS B 340 -26.65 -6.08 9.13
C LYS B 340 -25.65 -4.99 9.40
N ILE B 341 -25.98 -3.79 8.90
CA ILE B 341 -25.19 -2.62 9.20
C ILE B 341 -25.03 -2.44 10.70
N GLY B 342 -23.77 -2.27 11.13
CA GLY B 342 -23.40 -2.17 12.53
C GLY B 342 -22.85 -3.41 13.20
N ASP B 343 -23.08 -4.59 12.62
CA ASP B 343 -22.54 -5.82 13.08
C ASP B 343 -21.01 -5.76 12.96
N LYS B 344 -20.33 -6.30 13.95
CA LYS B 344 -18.88 -6.36 13.96
C LYS B 344 -18.42 -7.71 13.50
N VAL B 345 -17.34 -7.74 12.72
CA VAL B 345 -16.69 -8.98 12.42
C VAL B 345 -15.24 -8.96 12.95
N LEU B 346 -14.67 -10.14 13.06
CA LEU B 346 -13.39 -10.33 13.66
C LEU B 346 -12.42 -11.07 12.66
N VAL B 347 -11.20 -10.52 12.46
CA VAL B 347 -10.19 -11.18 11.66
C VAL B 347 -9.06 -11.54 12.59
N THR B 348 -8.70 -12.81 12.69
CA THR B 348 -7.62 -13.24 13.57
C THR B 348 -6.31 -13.47 12.82
N GLU B 349 -5.23 -13.77 13.56
CA GLU B 349 -3.89 -13.94 13.00
C GLU B 349 -3.59 -12.82 11.99
N MET B 350 -3.80 -11.59 12.42
CA MET B 350 -3.58 -10.43 11.58
C MET B 350 -2.42 -9.52 11.96
N GLY B 351 -1.45 -10.05 12.66
CA GLY B 351 -0.38 -9.24 13.18
C GLY B 351 0.83 -8.95 12.36
N SER B 352 0.99 -9.62 11.20
CA SER B 352 2.26 -9.47 10.47
C SER B 352 2.02 -9.11 9.02
N TYR B 353 2.75 -8.12 8.56
CA TYR B 353 2.66 -7.71 7.15
C TYR B 353 1.23 -7.35 6.76
N THR B 354 0.59 -6.66 7.67
CA THR B 354 -0.79 -6.20 7.45
C THR B 354 -0.82 -4.67 7.65
N SER B 355 -0.80 -4.21 8.91
CA SER B 355 -0.87 -2.77 9.15
C SER B 355 0.34 -2.05 8.54
N VAL B 356 1.45 -2.73 8.47
CA VAL B 356 2.66 -2.17 7.86
C VAL B 356 2.56 -1.79 6.41
N SER B 357 1.62 -2.36 5.68
CA SER B 357 1.44 -2.00 4.24
C SER B 357 0.09 -1.30 4.07
N ALA B 358 -0.55 -0.88 5.17
CA ALA B 358 -1.78 -0.07 5.11
C ALA B 358 -1.43 1.34 4.58
N THR B 359 -2.42 2.01 4.01
CA THR B 359 -2.25 3.32 3.40
C THR B 359 -3.38 4.24 3.80
N ARG B 360 -3.28 5.50 3.40
CA ARG B 360 -4.35 6.45 3.55
C ARG B 360 -5.07 6.72 2.22
N PHE B 361 -5.13 5.70 1.37
CA PHE B 361 -5.83 5.79 0.10
C PHE B 361 -7.28 6.19 0.36
N ASN B 362 -7.78 7.11 -0.44
CA ASN B 362 -9.14 7.61 -0.34
C ASN B 362 -9.29 8.48 0.92
N GLY B 363 -8.18 8.77 1.57
CA GLY B 363 -8.19 9.61 2.75
C GLY B 363 -8.55 8.93 4.07
N PHE B 364 -8.81 7.63 4.03
CA PHE B 364 -9.10 6.84 5.27
C PHE B 364 -7.94 6.90 6.23
N TYR B 365 -8.26 6.88 7.51
CA TYR B 365 -7.20 6.85 8.55
C TYR B 365 -6.64 5.45 8.67
N LEU B 366 -5.40 5.36 9.08
CA LEU B 366 -4.82 4.09 9.39
C LEU B 366 -5.54 3.50 10.63
N ALA B 367 -5.96 2.25 10.57
CA ALA B 367 -6.51 1.61 11.81
C ALA B 367 -5.46 1.57 12.92
N PRO B 368 -5.82 2.05 14.15
CA PRO B 368 -4.87 2.07 15.21
C PRO B 368 -4.70 0.65 15.84
N THR B 369 -3.56 0.40 16.46
CA THR B 369 -3.29 -0.81 17.25
C THR B 369 -3.54 -0.52 18.75
N ILE B 370 -4.55 -1.14 19.30
CA ILE B 370 -4.96 -0.99 20.71
C ILE B 370 -4.22 -2.08 21.44
N ILE B 371 -3.68 -1.78 22.62
CA ILE B 371 -3.00 -2.77 23.41
C ILE B 371 -3.97 -3.42 24.40
N PHE B 372 -4.16 -4.72 24.24
CA PHE B 372 -5.17 -5.46 24.97
C PHE B 372 -4.94 -5.40 26.48
N GLU B 373 -3.69 -5.46 26.88
CA GLU B 373 -3.30 -5.48 28.28
C GLU B 373 -3.69 -4.19 29.01
N ASP B 374 -3.92 -3.13 28.25
CA ASP B 374 -4.30 -1.84 28.80
C ASP B 374 -5.82 -1.66 28.88
N GLN B 375 -6.58 -2.70 28.56
CA GLN B 375 -8.03 -2.63 28.45
C GLN B 375 -8.72 -3.41 29.57
N PRO B 376 -9.88 -2.93 30.05
CA PRO B 376 -10.63 -3.71 31.07
C PRO B 376 -10.87 -5.15 30.68
N GLU B 377 -10.96 -5.44 29.38
CA GLU B 377 -11.26 -6.80 28.96
C GLU B 377 -10.19 -7.79 29.38
N TYR B 378 -8.94 -7.31 29.44
CA TYR B 378 -7.85 -8.08 29.87
C TYR B 378 -7.96 -8.38 31.38
N ALA B 379 -8.17 -7.35 32.15
CA ALA B 379 -8.35 -7.52 33.62
C ALA B 379 -9.45 -8.53 33.88
N ALA B 380 -10.56 -8.40 33.16
CA ALA B 380 -11.64 -9.36 33.26
C ALA B 380 -11.22 -10.76 32.94
N ARG B 381 -10.33 -10.98 31.96
CA ARG B 381 -9.85 -12.38 31.72
C ARG B 381 -9.03 -12.88 32.92
N LEU B 382 -8.25 -12.00 33.55
CA LEU B 382 -7.43 -12.38 34.69
C LEU B 382 -8.29 -12.66 35.91
N THR B 383 -9.40 -11.96 36.04
CA THR B 383 -10.34 -12.23 37.11
C THR B 383 -10.97 -13.61 36.96
N GLU B 384 -11.36 -13.96 35.75
CA GLU B 384 -11.65 -15.33 35.40
C GLU B 384 -10.24 -15.89 35.40
N ASP B 385 -10.07 -17.20 35.49
CA ASP B 385 -8.76 -17.90 35.60
C ASP B 385 -8.50 -18.37 37.03
#